data_9J0G
#
_entry.id   9J0G
#
_cell.length_a   81.240
_cell.length_b   124.800
_cell.length_c   173.500
_cell.angle_alpha   90.00
_cell.angle_beta   90.00
_cell.angle_gamma   90.00
#
_symmetry.space_group_name_H-M   'C 2 2 21'
#
loop_
_entity.id
_entity.type
_entity.pdbx_description
1 polymer 'Transforming protein RhoA'
2 non-polymer "GUANOSINE-5'-DIPHOSPHATE"
3 non-polymer 'MAGNESIUM ION'
4 non-polymer (1~{R})-1-(3-ethylphenyl)ethane-1,2-diol
5 non-polymer '4-(2-HYDROXYETHYL)-1-PIPERAZINE ETHANESULFONIC ACID'
6 water water
#
_entity_poly.entity_id   1
_entity_poly.type   'polypeptide(L)'
_entity_poly.pdbx_seq_one_letter_code
;MAAIRKKLVIVGDGACGKTCLLIVNSKDQFPEVYVPTVFENYVADIEVDGKQVELALWDTAGQEDYDRLRPLSYPDTDVI
LMCFSIDSPDSLENIPEKWTPEVKHFCPNVPIILVGNKKDLRNDEHTRRELAKMKQEPVKPEEGRDMANRIGAFGYMECS
AKTKDGVREVFEMATRAALQARRGKKKSGCLVL
;
_entity_poly.pdbx_strand_id   A,B,C,D
#
loop_
_chem_comp.id
_chem_comp.type
_chem_comp.name
_chem_comp.formula
EPE non-polymer '4-(2-HYDROXYETHYL)-1-PIPERAZINE ETHANESULFONIC ACID' 'C8 H18 N2 O4 S'
GDP RNA linking GUANOSINE-5'-DIPHOSPHATE 'C10 H15 N5 O11 P2'
MG non-polymer 'MAGNESIUM ION' 'Mg 2'
U6L non-polymer (1~{R})-1-(3-ethylphenyl)ethane-1,2-diol 'C10 H14 O2'
#
# COMPACT_ATOMS: atom_id res chain seq x y z
N MET A 1 33.63 -9.54 -17.10
CA MET A 1 33.92 -8.14 -16.72
C MET A 1 33.40 -7.18 -17.80
N ALA A 2 33.43 -5.87 -17.50
CA ALA A 2 32.99 -4.84 -18.45
C ALA A 2 33.84 -3.59 -18.23
N ALA A 3 33.36 -2.43 -18.72
CA ALA A 3 34.05 -1.17 -18.48
C ALA A 3 33.12 0.02 -18.77
N ILE A 4 31.99 0.08 -18.04
CA ILE A 4 31.06 1.19 -18.11
C ILE A 4 31.59 2.35 -17.27
N ARG A 5 31.74 3.52 -17.90
CA ARG A 5 32.41 4.66 -17.27
C ARG A 5 31.45 5.86 -17.22
N LYS A 6 31.15 6.34 -16.00
CA LYS A 6 30.09 7.29 -15.78
C LYS A 6 30.54 8.38 -14.81
N LYS A 7 30.44 9.64 -15.22
CA LYS A 7 30.72 10.76 -14.34
C LYS A 7 29.59 10.89 -13.31
N LEU A 8 29.93 11.42 -12.13
CA LEU A 8 28.96 11.86 -11.13
C LEU A 8 29.48 13.15 -10.49
N VAL A 9 28.72 14.24 -10.65
CA VAL A 9 29.08 15.49 -9.99
C VAL A 9 28.15 15.68 -8.80
N ILE A 10 28.75 15.89 -7.61
CA ILE A 10 28.02 16.26 -6.39
C ILE A 10 27.99 17.79 -6.25
N VAL A 11 26.76 18.34 -6.26
CA VAL A 11 26.54 19.77 -6.15
C VAL A 11 25.82 20.07 -4.84
N GLY A 12 25.90 21.31 -4.37
CA GLY A 12 25.09 21.72 -3.23
C GLY A 12 25.75 22.87 -2.47
N ASP A 13 25.08 23.33 -1.39
CA ASP A 13 25.65 24.40 -0.57
C ASP A 13 26.72 23.81 0.34
N GLY A 14 27.33 24.69 1.13
CA GLY A 14 28.32 24.33 2.13
C GLY A 14 27.66 23.75 3.37
N ALA A 15 28.24 22.69 3.93
CA ALA A 15 27.76 22.07 5.18
C ALA A 15 26.65 21.06 4.96
N CYS A 16 26.76 20.29 3.89
CA CYS A 16 25.80 19.21 3.70
C CYS A 16 26.63 17.97 3.96
N GLY A 17 27.90 18.04 3.61
CA GLY A 17 28.80 16.91 3.82
C GLY A 17 29.26 16.37 2.49
N LYS A 18 29.27 17.22 1.46
CA LYS A 18 29.64 16.76 0.12
C LYS A 18 30.91 15.92 0.21
N THR A 19 31.98 16.54 0.69
CA THR A 19 33.31 15.94 0.69
C THR A 19 33.40 14.83 1.74
N CYS A 20 32.58 14.88 2.77
CA CYS A 20 32.58 13.80 3.74
C CYS A 20 31.80 12.61 3.17
N LEU A 21 31.08 12.85 2.08
CA LEU A 21 30.39 11.75 1.42
C LEU A 21 31.34 11.10 0.44
N LEU A 22 32.13 11.97 -0.21
CA LEU A 22 32.99 11.62 -1.32
C LEU A 22 34.21 10.89 -0.78
N ILE A 23 34.75 11.43 0.31
CA ILE A 23 35.80 10.75 1.04
C ILE A 23 35.22 9.47 1.64
N VAL A 24 34.42 9.58 2.69
CA VAL A 24 33.97 8.39 3.40
C VAL A 24 33.69 7.22 2.45
N ASN A 25 32.87 7.38 1.41
CA ASN A 25 32.58 6.32 0.45
C ASN A 25 33.84 5.69 -0.16
N SER A 26 34.83 6.53 -0.50
CA SER A 26 36.13 6.03 -0.90
C SER A 26 36.66 5.09 0.19
N LYS A 27 36.94 5.67 1.37
CA LYS A 27 37.82 5.06 2.37
C LYS A 27 37.03 4.27 3.41
N ASP A 28 35.77 4.61 3.55
CA ASP A 28 34.89 3.90 4.45
C ASP A 28 35.22 4.26 5.90
N GLN A 29 35.58 5.55 6.10
CA GLN A 29 35.91 6.06 7.41
C GLN A 29 35.95 7.60 7.40
N PHE A 30 35.12 8.19 8.28
CA PHE A 30 34.89 9.62 8.34
C PHE A 30 36.18 10.36 8.64
N PRO A 31 36.51 11.49 7.95
CA PRO A 31 37.68 12.32 8.27
C PRO A 31 37.33 13.10 9.53
N GLU A 32 37.92 12.69 10.65
CA GLU A 32 37.59 13.27 11.94
C GLU A 32 38.63 14.34 12.26
N VAL A 33 39.85 14.19 11.69
CA VAL A 33 40.91 15.16 11.86
C VAL A 33 40.61 16.37 10.97
N TYR A 34 41.00 16.30 9.69
CA TYR A 34 40.77 17.44 8.82
C TYR A 34 40.13 16.95 7.52
N VAL A 35 39.35 17.87 6.93
CA VAL A 35 38.68 17.69 5.66
C VAL A 35 39.08 18.86 4.76
N PRO A 36 39.35 18.63 3.44
CA PRO A 36 39.57 19.74 2.50
C PRO A 36 38.30 20.53 2.17
N THR A 37 38.39 21.42 1.18
CA THR A 37 37.20 22.02 0.60
C THR A 37 36.56 20.98 -0.31
N VAL A 38 37.31 20.58 -1.35
CA VAL A 38 36.85 19.62 -2.34
C VAL A 38 37.79 18.42 -2.35
N PHE A 39 37.22 17.24 -2.66
CA PHE A 39 37.97 16.01 -2.85
C PHE A 39 37.59 15.40 -4.21
N GLU A 40 38.54 15.37 -5.15
CA GLU A 40 38.24 14.97 -6.52
C GLU A 40 39.16 13.82 -6.89
N ASN A 41 39.26 13.53 -8.20
CA ASN A 41 40.16 12.51 -8.74
C ASN A 41 39.87 11.16 -8.07
N TYR A 42 38.62 10.71 -8.17
CA TYR A 42 38.26 9.45 -7.54
C TYR A 42 37.30 8.66 -8.44
N VAL A 43 37.54 7.34 -8.46
CA VAL A 43 36.69 6.35 -9.09
C VAL A 43 36.21 5.34 -8.06
N ALA A 44 34.90 5.08 -8.06
CA ALA A 44 34.34 3.92 -7.39
C ALA A 44 34.07 2.83 -8.43
N ASP A 45 34.24 1.58 -7.99
CA ASP A 45 33.79 0.42 -8.75
C ASP A 45 32.51 -0.07 -8.09
N ILE A 46 31.45 -0.25 -8.87
CA ILE A 46 30.19 -0.76 -8.32
C ILE A 46 29.65 -1.90 -9.20
N GLU A 47 29.74 -3.12 -8.66
CA GLU A 47 29.09 -4.28 -9.26
C GLU A 47 27.70 -4.43 -8.64
N VAL A 48 26.68 -3.98 -9.38
CA VAL A 48 25.33 -3.85 -8.84
C VAL A 48 24.45 -4.95 -9.46
N ASP A 49 23.31 -4.61 -10.07
CA ASP A 49 22.43 -5.60 -10.68
C ASP A 49 23.07 -6.12 -11.97
N GLY A 50 24.14 -6.91 -11.80
CA GLY A 50 24.86 -7.52 -12.90
C GLY A 50 26.03 -6.64 -13.34
N LYS A 51 25.71 -5.39 -13.69
CA LYS A 51 26.60 -4.54 -14.46
C LYS A 51 27.70 -3.97 -13.55
N GLN A 52 28.95 -3.99 -14.03
CA GLN A 52 30.04 -3.35 -13.32
C GLN A 52 30.35 -2.00 -13.97
N VAL A 53 30.30 -0.94 -13.14
CA VAL A 53 30.45 0.43 -13.60
C VAL A 53 31.70 1.00 -12.94
N GLU A 54 32.43 1.85 -13.68
CA GLU A 54 33.40 2.73 -13.07
C GLU A 54 32.76 4.11 -12.93
N LEU A 55 32.26 4.35 -11.71
CA LEU A 55 31.54 5.57 -11.35
C LEU A 55 32.53 6.62 -10.86
N ALA A 56 33.03 7.44 -11.79
CA ALA A 56 33.89 8.57 -11.46
C ALA A 56 33.08 9.55 -10.60
N LEU A 57 33.70 10.06 -9.52
CA LEU A 57 33.00 10.82 -8.49
C LEU A 57 33.68 12.17 -8.26
N TRP A 58 33.08 13.25 -8.80
CA TRP A 58 33.66 14.59 -8.72
C TRP A 58 33.05 15.36 -7.56
N ASP A 59 33.21 16.69 -7.56
CA ASP A 59 32.66 17.52 -6.49
C ASP A 59 32.59 18.95 -7.03
N THR A 60 32.05 19.87 -6.21
CA THR A 60 32.06 21.32 -6.46
C THR A 60 32.12 22.10 -5.14
N ALA A 61 32.29 23.44 -5.25
CA ALA A 61 32.16 24.34 -4.11
C ALA A 61 31.51 25.65 -4.54
N GLY A 62 31.74 26.70 -3.74
CA GLY A 62 31.34 28.05 -4.06
C GLY A 62 32.49 29.02 -3.80
N ASP A 65 35.11 30.33 -2.72
CA ASP A 65 36.03 29.22 -2.38
C ASP A 65 36.44 28.37 -3.60
N TYR A 66 36.02 28.79 -4.80
CA TYR A 66 36.07 28.00 -6.04
C TYR A 66 34.72 28.13 -6.73
N ASP A 67 34.00 29.22 -6.45
CA ASP A 67 32.70 29.51 -7.04
C ASP A 67 32.81 29.29 -8.55
N ARG A 68 33.75 29.98 -9.18
CA ARG A 68 33.90 29.94 -10.63
C ARG A 68 34.51 28.66 -11.19
N LEU A 69 34.14 27.56 -10.60
CA LEU A 69 34.62 26.25 -11.02
C LEU A 69 33.48 25.25 -11.14
N ARG A 70 32.30 25.67 -10.69
CA ARG A 70 31.10 24.85 -10.81
C ARG A 70 30.80 24.59 -12.29
N PRO A 71 30.89 25.62 -13.17
CA PRO A 71 30.68 25.45 -14.62
C PRO A 71 31.67 24.56 -15.36
N LEU A 72 32.90 24.45 -14.82
CA LEU A 72 33.97 23.70 -15.45
C LEU A 72 33.76 22.22 -15.24
N SER A 73 32.95 21.88 -14.22
CA SER A 73 32.78 20.51 -13.75
C SER A 73 31.49 19.86 -14.27
N TYR A 74 30.64 20.60 -14.99
CA TYR A 74 29.31 20.09 -15.34
C TYR A 74 29.34 19.16 -16.55
N PRO A 75 30.03 19.50 -17.68
CA PRO A 75 29.99 18.66 -18.88
C PRO A 75 30.12 17.14 -18.65
N ASP A 76 29.39 16.39 -19.47
CA ASP A 76 29.50 14.93 -19.57
C ASP A 76 28.83 14.21 -18.39
N THR A 77 28.18 14.94 -17.48
CA THR A 77 27.65 14.35 -16.25
C THR A 77 26.64 13.26 -16.62
N ASP A 78 26.86 12.08 -16.05
CA ASP A 78 25.98 10.94 -16.26
C ASP A 78 25.03 10.83 -15.07
N VAL A 79 25.33 11.60 -14.02
CA VAL A 79 24.45 11.70 -12.86
C VAL A 79 24.91 12.91 -12.05
N ILE A 80 23.93 13.65 -11.55
CA ILE A 80 24.17 14.73 -10.59
C ILE A 80 23.80 14.21 -9.21
N LEU A 81 24.67 14.44 -8.22
CA LEU A 81 24.26 14.33 -6.81
C LEU A 81 24.04 15.73 -6.26
N MET A 82 22.77 16.14 -6.18
CA MET A 82 22.46 17.41 -5.55
C MET A 82 22.26 17.10 -4.08
N CYS A 83 23.14 17.60 -3.22
CA CYS A 83 22.99 17.30 -1.80
C CYS A 83 22.66 18.35 -0.77
N PHE A 84 21.79 18.02 0.18
CA PHE A 84 21.41 18.97 1.22
C PHE A 84 21.71 18.39 2.58
N SER A 85 21.48 19.17 3.63
CA SER A 85 21.78 18.71 4.97
C SER A 85 20.54 18.97 5.83
N ILE A 86 20.17 17.97 6.65
CA ILE A 86 18.89 17.96 7.37
C ILE A 86 18.93 18.98 8.52
N ASP A 87 20.14 19.43 8.88
CA ASP A 87 20.37 20.42 9.91
C ASP A 87 20.32 21.85 9.36
N SER A 88 20.26 21.98 8.03
CA SER A 88 20.13 23.27 7.37
C SER A 88 18.98 23.18 6.38
N PRO A 89 17.70 23.21 6.84
CA PRO A 89 16.55 23.04 5.94
C PRO A 89 16.48 24.26 5.01
N ASP A 90 17.18 25.32 5.43
CA ASP A 90 17.43 26.48 4.59
C ASP A 90 18.14 26.04 3.31
N SER A 91 18.72 24.83 3.30
CA SER A 91 19.53 24.30 2.21
C SER A 91 18.69 23.58 1.16
N LEU A 92 17.47 23.18 1.57
CA LEU A 92 16.49 22.61 0.66
C LEU A 92 15.74 23.74 -0.03
N GLU A 93 15.93 24.95 0.50
CA GLU A 93 15.31 26.20 0.04
C GLU A 93 16.10 26.73 -1.16
N ASN A 94 17.34 26.29 -1.26
CA ASN A 94 18.20 26.66 -2.39
C ASN A 94 18.09 25.63 -3.52
N ILE A 95 17.71 24.39 -3.16
CA ILE A 95 17.56 23.28 -4.09
C ILE A 95 16.61 23.68 -5.23
N PRO A 96 15.41 24.24 -4.97
CA PRO A 96 14.62 24.97 -5.97
C PRO A 96 15.12 26.30 -6.54
N GLU A 97 15.74 27.19 -5.74
CA GLU A 97 16.33 28.40 -6.31
C GLU A 97 17.85 28.23 -6.25
N LYS A 98 18.51 28.21 -7.42
CA LYS A 98 19.87 27.72 -7.56
C LYS A 98 19.90 26.19 -7.44
N TRP A 99 20.93 25.58 -8.05
CA TRP A 99 21.23 24.16 -7.95
C TRP A 99 20.35 23.34 -8.90
N THR A 100 19.04 23.61 -8.90
CA THR A 100 18.19 23.09 -9.98
C THR A 100 18.26 24.10 -11.14
N PRO A 101 18.05 25.42 -10.90
CA PRO A 101 18.31 26.43 -11.92
C PRO A 101 19.66 26.43 -12.61
N GLU A 102 20.62 25.61 -12.12
CA GLU A 102 21.94 25.58 -12.71
C GLU A 102 22.12 24.37 -13.62
N VAL A 103 21.64 23.21 -13.17
CA VAL A 103 21.73 22.00 -13.97
C VAL A 103 21.14 22.29 -15.36
N LYS A 104 19.85 22.66 -15.41
CA LYS A 104 19.12 22.88 -16.65
C LYS A 104 19.67 24.14 -17.34
N HIS A 105 20.92 24.49 -17.03
CA HIS A 105 21.68 25.40 -17.87
C HIS A 105 23.00 24.77 -18.27
N PHE A 106 23.66 24.08 -17.35
CA PHE A 106 24.95 23.48 -17.63
C PHE A 106 24.79 21.98 -17.89
N CYS A 107 23.54 21.52 -17.80
CA CYS A 107 23.16 20.12 -17.81
C CYS A 107 21.71 20.05 -18.26
N PRO A 108 21.37 20.31 -19.54
CA PRO A 108 20.00 20.08 -20.01
C PRO A 108 19.65 18.59 -19.99
N ASN A 109 18.58 18.27 -19.25
CA ASN A 109 18.28 16.92 -18.77
C ASN A 109 19.38 16.49 -17.79
N VAL A 110 19.88 15.26 -17.91
CA VAL A 110 20.87 14.73 -16.97
C VAL A 110 20.16 14.31 -15.68
N PRO A 111 20.36 13.08 -15.17
CA PRO A 111 19.68 12.66 -13.94
C PRO A 111 20.11 13.42 -12.68
N ILE A 112 19.18 13.49 -11.70
CA ILE A 112 19.48 13.99 -10.37
C ILE A 112 18.98 12.94 -9.37
N ILE A 113 19.75 12.74 -8.28
CA ILE A 113 19.37 11.86 -7.19
C ILE A 113 19.45 12.67 -5.91
N LEU A 114 18.33 12.88 -5.20
CA LEU A 114 18.35 13.78 -4.07
C LEU A 114 18.84 13.05 -2.81
N VAL A 115 19.98 13.56 -2.30
CA VAL A 115 20.66 13.11 -1.10
C VAL A 115 20.36 14.10 0.03
N GLY A 116 20.01 13.56 1.21
CA GLY A 116 19.73 14.33 2.42
C GLY A 116 20.64 13.91 3.58
N ASN A 117 21.80 14.57 3.67
CA ASN A 117 22.92 14.16 4.50
C ASN A 117 22.64 14.48 5.97
N LYS A 118 23.69 14.38 6.80
CA LYS A 118 23.60 14.67 8.22
C LYS A 118 22.32 14.08 8.77
N LYS A 119 22.08 12.81 8.45
CA LYS A 119 20.90 12.10 8.91
C LYS A 119 20.94 12.00 10.43
N ASP A 120 22.16 12.09 10.98
CA ASP A 120 22.41 11.95 12.42
C ASP A 120 21.87 13.16 13.18
N LEU A 121 22.08 14.38 12.65
CA LEU A 121 21.61 15.62 13.25
C LEU A 121 20.12 15.82 12.97
N ARG A 122 19.29 14.81 13.29
CA ARG A 122 17.85 14.84 13.11
C ARG A 122 17.13 14.41 14.40
N ASN A 123 17.58 13.28 14.97
CA ASN A 123 17.17 12.85 16.30
C ASN A 123 18.27 13.20 17.31
N ASP A 124 18.70 14.47 17.29
CA ASP A 124 19.78 14.98 18.13
C ASP A 124 19.14 15.93 19.15
N GLU A 125 19.86 16.23 20.23
CA GLU A 125 19.47 17.29 21.15
C GLU A 125 19.82 18.64 20.55
N HIS A 126 21.12 18.88 20.33
CA HIS A 126 21.65 20.21 20.00
C HIS A 126 21.03 20.76 18.72
N THR A 127 20.38 19.89 17.93
CA THR A 127 19.64 20.28 16.73
C THR A 127 18.20 20.63 17.12
N ARG A 128 17.46 19.67 17.69
CA ARG A 128 16.13 19.93 18.20
C ARG A 128 16.15 21.08 19.20
N ARG A 129 17.35 21.42 19.69
CA ARG A 129 17.56 22.50 20.64
C ARG A 129 17.95 23.81 19.95
N GLU A 130 18.33 23.75 18.67
CA GLU A 130 18.79 24.95 17.97
C GLU A 130 17.89 25.20 16.76
N LEU A 131 17.70 24.18 15.94
CA LEU A 131 16.69 24.30 14.89
C LEU A 131 15.40 24.75 15.58
N ALA A 132 15.08 24.13 16.72
CA ALA A 132 13.89 24.44 17.50
C ALA A 132 14.03 25.76 18.26
N LYS A 133 15.21 26.39 18.24
CA LYS A 133 15.42 27.71 18.84
C LYS A 133 15.15 28.78 17.79
N MET A 134 15.35 28.44 16.51
CA MET A 134 14.73 29.15 15.41
C MET A 134 13.51 28.36 14.96
N LYS A 135 13.03 27.46 15.85
CA LYS A 135 12.00 26.46 15.57
C LYS A 135 11.96 26.16 14.09
N GLN A 136 12.59 25.06 13.68
CA GLN A 136 12.83 24.78 12.27
C GLN A 136 12.77 23.28 12.06
N GLU A 137 11.99 22.59 12.92
CA GLU A 137 12.04 21.15 13.15
C GLU A 137 12.83 20.40 12.06
N PRO A 138 14.04 19.86 12.37
CA PRO A 138 14.85 19.12 11.39
C PRO A 138 14.12 18.32 10.32
N VAL A 139 14.67 18.35 9.10
CA VAL A 139 13.95 17.96 7.90
C VAL A 139 13.43 16.53 8.05
N LYS A 140 12.13 16.37 7.76
CA LYS A 140 11.46 15.08 7.80
C LYS A 140 11.58 14.37 6.45
N PRO A 141 11.47 13.03 6.40
CA PRO A 141 11.67 12.27 5.15
C PRO A 141 10.79 12.57 3.94
N GLU A 142 9.46 12.66 4.15
CA GLU A 142 8.50 12.84 3.07
C GLU A 142 8.49 14.30 2.60
N GLU A 143 9.06 15.21 3.41
CA GLU A 143 9.26 16.60 3.04
C GLU A 143 10.41 16.71 2.03
N GLY A 144 11.46 15.91 2.21
CA GLY A 144 12.48 15.79 1.19
C GLY A 144 11.96 14.98 0.01
N ARG A 145 11.71 13.68 0.26
CA ARG A 145 11.30 12.74 -0.77
C ARG A 145 10.46 13.43 -1.85
N ASP A 146 9.53 14.30 -1.45
CA ASP A 146 8.59 14.90 -2.39
C ASP A 146 9.12 16.25 -2.89
N MET A 147 10.14 16.83 -2.23
CA MET A 147 10.88 17.94 -2.82
C MET A 147 11.72 17.43 -3.99
N ALA A 148 12.09 16.13 -3.94
CA ALA A 148 12.86 15.49 -4.99
C ALA A 148 11.97 15.13 -6.18
N ASN A 149 10.65 15.04 -5.97
CA ASN A 149 9.73 14.77 -7.06
C ASN A 149 9.57 16.01 -7.92
N ARG A 150 9.28 17.13 -7.26
CA ARG A 150 9.20 18.44 -7.89
C ARG A 150 10.30 18.64 -8.91
N ILE A 151 11.57 18.59 -8.47
CA ILE A 151 12.69 18.99 -9.32
C ILE A 151 12.91 17.98 -10.45
N GLY A 152 12.80 16.69 -10.16
CA GLY A 152 12.91 15.67 -11.20
C GLY A 152 13.66 14.42 -10.75
N ALA A 153 14.17 14.42 -9.52
CA ALA A 153 15.08 13.37 -9.06
C ALA A 153 14.48 11.99 -9.32
N PHE A 154 14.99 11.32 -10.34
CA PHE A 154 14.64 9.94 -10.63
C PHE A 154 14.61 9.16 -9.32
N GLY A 155 15.36 9.63 -8.31
CA GLY A 155 15.38 8.97 -7.02
C GLY A 155 15.75 9.88 -5.84
N TYR A 156 15.35 9.41 -4.65
CA TYR A 156 15.54 10.07 -3.36
C TYR A 156 16.49 9.23 -2.51
N MET A 157 17.40 9.91 -1.79
CA MET A 157 18.19 9.26 -0.75
C MET A 157 18.44 10.24 0.39
N GLU A 158 18.58 9.70 1.60
CA GLU A 158 19.17 10.39 2.73
C GLU A 158 20.27 9.52 3.32
N CYS A 159 21.19 10.06 4.13
CA CYS A 159 22.26 9.23 4.66
C CYS A 159 23.18 9.97 5.65
N SER A 160 23.99 9.17 6.36
CA SER A 160 25.01 9.68 7.24
C SER A 160 26.38 9.12 6.83
N ALA A 161 27.41 9.96 7.01
CA ALA A 161 28.77 9.60 6.64
C ALA A 161 29.67 9.47 7.88
N LYS A 162 29.22 10.00 9.02
CA LYS A 162 29.72 9.56 10.33
C LYS A 162 29.39 8.08 10.57
N THR A 163 28.15 7.69 10.23
CA THR A 163 27.61 6.36 10.51
C THR A 163 27.92 5.42 9.36
N LYS A 164 27.92 5.96 8.14
CA LYS A 164 28.25 5.21 6.92
C LYS A 164 27.05 4.40 6.45
N ASP A 165 25.84 4.66 6.97
CA ASP A 165 24.66 3.89 6.59
C ASP A 165 23.87 4.63 5.49
N GLY A 166 23.81 4.01 4.30
CA GLY A 166 23.22 4.63 3.13
C GLY A 166 24.28 4.90 2.04
N VAL A 167 25.49 5.29 2.47
CA VAL A 167 26.47 5.89 1.59
C VAL A 167 26.56 5.11 0.27
N ARG A 168 26.56 3.77 0.31
CA ARG A 168 26.75 2.97 -0.90
C ARG A 168 25.54 3.12 -1.80
N GLU A 169 24.36 3.35 -1.23
CA GLU A 169 23.13 3.40 -2.02
C GLU A 169 23.02 4.76 -2.73
N VAL A 170 23.55 5.82 -2.10
CA VAL A 170 23.64 7.16 -2.68
C VAL A 170 24.54 7.15 -3.92
N PHE A 171 25.40 6.13 -4.03
CA PHE A 171 26.20 5.92 -5.22
C PHE A 171 25.64 4.78 -6.09
N GLU A 172 25.06 3.75 -5.47
CA GLU A 172 24.53 2.60 -6.20
C GLU A 172 23.26 2.99 -6.96
N MET A 173 22.45 3.82 -6.33
CA MET A 173 21.20 4.26 -6.94
C MET A 173 21.53 5.12 -8.15
N ALA A 174 22.65 5.86 -8.05
CA ALA A 174 23.18 6.66 -9.15
C ALA A 174 23.64 5.77 -10.30
N THR A 175 24.37 4.69 -9.98
CA THR A 175 24.75 3.71 -10.97
C THR A 175 23.55 3.45 -11.86
N ARG A 176 22.51 2.80 -11.30
CA ARG A 176 21.27 2.56 -12.02
C ARG A 176 20.78 3.83 -12.72
N ALA A 177 21.00 5.01 -12.10
CA ALA A 177 20.52 6.27 -12.65
C ALA A 177 21.29 6.64 -13.91
N ALA A 178 22.54 6.20 -14.00
CA ALA A 178 23.33 6.40 -15.21
C ALA A 178 23.21 5.22 -16.16
N LEU A 179 22.48 4.16 -15.75
CA LEU A 179 22.20 3.02 -16.61
C LEU A 179 20.70 2.89 -16.85
N GLN A 180 20.01 4.04 -16.90
CA GLN A 180 18.58 4.12 -17.12
C GLN A 180 18.29 4.98 -18.36
N ALA B 2 10.61 -20.93 -14.71
CA ALA B 2 11.65 -21.37 -13.76
C ALA B 2 12.74 -20.30 -13.64
N ALA B 3 13.60 -20.20 -14.66
CA ALA B 3 14.80 -19.36 -14.69
C ALA B 3 15.83 -19.84 -13.67
N ILE B 4 15.56 -19.69 -12.37
CA ILE B 4 16.43 -20.28 -11.36
C ILE B 4 15.56 -21.09 -10.39
N ARG B 5 14.65 -20.42 -9.68
CA ARG B 5 13.76 -21.07 -8.73
C ARG B 5 14.48 -21.38 -7.42
N LYS B 6 13.79 -21.12 -6.30
CA LYS B 6 14.32 -21.26 -4.94
C LYS B 6 13.16 -21.41 -3.95
N LYS B 7 13.42 -22.08 -2.81
CA LYS B 7 12.40 -22.35 -1.82
C LYS B 7 12.71 -21.64 -0.51
N LEU B 8 11.69 -21.00 0.07
CA LEU B 8 11.85 -20.21 1.28
C LEU B 8 10.95 -20.73 2.38
N VAL B 9 11.49 -20.67 3.61
CA VAL B 9 10.70 -20.77 4.81
C VAL B 9 11.12 -19.63 5.71
N ILE B 10 10.11 -19.02 6.34
CA ILE B 10 10.26 -17.91 7.26
C ILE B 10 9.77 -18.34 8.65
N VAL B 11 10.67 -18.36 9.64
CA VAL B 11 10.42 -18.89 10.97
C VAL B 11 10.20 -17.77 12.00
N GLY B 12 10.33 -18.11 13.29
CA GLY B 12 10.42 -17.12 14.37
C GLY B 12 9.19 -17.17 15.29
N ASP B 13 9.26 -16.51 16.45
CA ASP B 13 8.20 -16.60 17.44
C ASP B 13 6.93 -15.97 16.89
N GLY B 14 5.80 -16.20 17.56
CA GLY B 14 4.51 -15.70 17.07
C GLY B 14 4.44 -14.17 17.15
N ALA B 15 3.56 -13.57 16.36
CA ALA B 15 3.54 -12.12 16.25
C ALA B 15 4.96 -11.58 16.28
N CYS B 16 5.79 -12.10 15.35
CA CYS B 16 7.00 -11.46 14.89
C CYS B 16 6.62 -10.39 13.86
N GLY B 17 5.61 -10.74 13.04
CA GLY B 17 5.23 -9.94 11.89
C GLY B 17 5.63 -10.64 10.60
N LYS B 18 5.70 -11.97 10.62
CA LYS B 18 6.11 -12.75 9.45
C LYS B 18 5.07 -12.66 8.34
N THR B 19 3.83 -13.03 8.66
CA THR B 19 2.75 -13.14 7.69
C THR B 19 2.44 -11.77 7.07
N CYS B 20 2.60 -10.70 7.85
CA CYS B 20 2.55 -9.35 7.31
C CYS B 20 3.62 -9.19 6.22
N LEU B 21 4.90 -9.40 6.60
CA LEU B 21 6.08 -9.15 5.79
C LEU B 21 5.98 -9.79 4.39
N LEU B 22 5.37 -10.97 4.33
CA LEU B 22 5.09 -11.66 3.07
C LEU B 22 3.95 -10.97 2.33
N ILE B 23 2.80 -10.84 2.98
CA ILE B 23 1.63 -10.26 2.36
C ILE B 23 1.97 -8.87 1.83
N VAL B 24 2.79 -8.10 2.57
CA VAL B 24 3.17 -6.73 2.21
C VAL B 24 3.90 -6.73 0.87
N ASN B 25 5.04 -7.44 0.74
CA ASN B 25 5.84 -7.36 -0.47
C ASN B 25 5.07 -7.92 -1.65
N SER B 26 4.22 -8.91 -1.36
CA SER B 26 3.50 -9.67 -2.36
C SER B 26 2.19 -8.98 -2.78
N LYS B 27 1.85 -7.84 -2.13
CA LYS B 27 0.57 -7.16 -2.34
C LYS B 27 0.69 -5.63 -2.31
N ASP B 28 1.93 -5.09 -2.15
CA ASP B 28 2.27 -3.69 -1.90
C ASP B 28 1.32 -3.01 -0.89
N GLN B 29 0.80 -3.77 0.10
CA GLN B 29 -0.17 -3.25 1.07
C GLN B 29 -0.10 -4.03 2.38
N PHE B 30 -0.42 -3.37 3.52
CA PHE B 30 -0.42 -3.96 4.86
C PHE B 30 -1.75 -4.68 5.14
N PRO B 31 -1.76 -6.01 5.43
CA PRO B 31 -3.00 -6.77 5.54
C PRO B 31 -4.00 -6.49 6.66
N GLU B 32 -4.32 -5.22 6.88
CA GLU B 32 -5.28 -4.77 7.90
C GLU B 32 -6.67 -5.37 7.63
N VAL B 33 -7.50 -5.47 8.68
CA VAL B 33 -8.81 -6.12 8.61
C VAL B 33 -8.64 -7.60 8.92
N TYR B 34 -7.83 -8.30 8.13
CA TYR B 34 -7.65 -9.73 8.34
C TYR B 34 -6.22 -10.13 7.98
N VAL B 35 -5.49 -10.65 8.99
CA VAL B 35 -4.21 -11.31 8.81
C VAL B 35 -4.39 -12.76 9.27
N PRO B 36 -4.04 -13.76 8.41
CA PRO B 36 -4.12 -15.17 8.81
C PRO B 36 -2.86 -15.64 9.54
N THR B 37 -3.04 -16.67 10.37
CA THR B 37 -1.94 -17.34 11.04
C THR B 37 -1.09 -18.11 10.02
N VAL B 38 -1.37 -17.88 8.72
CA VAL B 38 -0.86 -18.65 7.60
C VAL B 38 -0.50 -17.69 6.47
N PHE B 39 -1.10 -17.85 5.27
CA PHE B 39 -0.59 -17.38 3.99
C PHE B 39 0.03 -18.61 3.33
N GLU B 40 0.06 -18.64 1.98
CA GLU B 40 0.39 -19.86 1.28
C GLU B 40 1.56 -19.60 0.34
N ASN B 41 1.82 -20.58 -0.54
CA ASN B 41 2.73 -20.42 -1.66
C ASN B 41 2.26 -19.27 -2.53
N TYR B 42 3.06 -18.18 -2.47
CA TYR B 42 3.02 -17.08 -3.41
C TYR B 42 4.39 -17.03 -4.11
N VAL B 43 4.52 -17.72 -5.24
CA VAL B 43 5.80 -17.73 -5.92
C VAL B 43 6.17 -16.28 -6.20
N ALA B 44 7.27 -15.85 -5.58
CA ALA B 44 7.65 -14.45 -5.53
C ALA B 44 8.70 -14.14 -6.58
N ASP B 45 8.29 -13.49 -7.68
CA ASP B 45 9.20 -13.12 -8.75
C ASP B 45 10.02 -11.91 -8.32
N ILE B 46 11.35 -11.97 -8.53
CA ILE B 46 12.29 -10.97 -8.04
C ILE B 46 13.38 -10.76 -9.09
N GLU B 47 13.99 -9.56 -9.10
CA GLU B 47 15.11 -9.27 -9.97
C GLU B 47 16.33 -8.96 -9.11
N VAL B 48 17.14 -9.98 -8.82
CA VAL B 48 18.23 -9.83 -7.86
C VAL B 48 19.55 -10.00 -8.61
N ASP B 49 20.48 -9.05 -8.38
CA ASP B 49 21.83 -9.08 -8.90
C ASP B 49 21.84 -9.54 -10.37
N GLY B 50 22.28 -10.77 -10.61
CA GLY B 50 22.50 -11.27 -11.96
C GLY B 50 21.19 -11.40 -12.73
N LYS B 51 20.39 -12.41 -12.35
CA LYS B 51 19.19 -12.77 -13.09
C LYS B 51 17.95 -12.48 -12.26
N GLN B 52 16.84 -13.15 -12.63
CA GLN B 52 15.61 -13.11 -11.88
C GLN B 52 15.24 -14.52 -11.41
N VAL B 53 14.56 -14.59 -10.26
CA VAL B 53 14.31 -15.84 -9.57
C VAL B 53 12.82 -15.94 -9.22
N GLU B 54 12.40 -17.15 -8.83
CA GLU B 54 11.07 -17.39 -8.29
C GLU B 54 11.24 -17.96 -6.88
N LEU B 55 10.57 -17.37 -5.88
CA LEU B 55 10.67 -17.77 -4.48
C LEU B 55 9.40 -18.47 -4.01
N ALA B 56 9.51 -19.77 -3.72
CA ALA B 56 8.36 -20.57 -3.33
C ALA B 56 8.12 -20.43 -1.83
N LEU B 57 7.22 -19.50 -1.44
CA LEU B 57 7.13 -19.05 -0.06
C LEU B 57 6.22 -19.98 0.74
N TRP B 58 6.83 -20.68 1.69
CA TRP B 58 6.12 -21.51 2.64
C TRP B 58 5.95 -20.76 3.95
N ASP B 59 4.71 -20.67 4.45
CA ASP B 59 4.45 -19.97 5.69
C ASP B 59 4.35 -20.99 6.82
N THR B 60 4.96 -20.60 7.95
CA THR B 60 5.02 -21.45 9.12
C THR B 60 4.53 -20.64 10.31
N ALA B 61 4.44 -21.28 11.47
CA ALA B 61 3.99 -20.65 12.71
C ALA B 61 4.06 -21.67 13.84
N GLY B 62 3.49 -21.36 15.00
CA GLY B 62 3.61 -22.21 16.17
C GLY B 62 2.36 -22.19 17.04
N GLN B 63 1.38 -23.02 16.67
CA GLN B 63 0.09 -23.08 17.32
C GLN B 63 -0.87 -23.90 16.47
N GLU B 64 -0.96 -25.20 16.76
CA GLU B 64 -1.89 -26.10 16.08
C GLU B 64 -3.13 -26.31 16.97
N TYR B 66 0.56 -24.54 13.94
CA TYR B 66 1.24 -24.92 12.67
C TYR B 66 2.63 -25.44 12.99
N ASP B 67 2.81 -25.76 14.28
CA ASP B 67 4.06 -26.17 14.87
C ASP B 67 4.35 -27.60 14.46
N ARG B 68 3.30 -28.43 14.33
CA ARG B 68 3.42 -29.87 14.15
C ARG B 68 3.56 -30.23 12.66
N LEU B 69 3.48 -29.22 11.78
CA LEU B 69 3.69 -29.44 10.37
C LEU B 69 4.65 -28.40 9.80
N ARG B 70 5.00 -27.39 10.61
CA ARG B 70 6.09 -26.45 10.34
C ARG B 70 7.36 -27.14 9.85
N PRO B 71 7.79 -28.25 10.49
CA PRO B 71 9.00 -28.97 10.05
C PRO B 71 8.94 -29.51 8.63
N LEU B 72 7.73 -29.83 8.17
CA LEU B 72 7.63 -30.49 6.88
C LEU B 72 8.23 -29.56 5.84
N SER B 73 7.85 -28.27 5.89
CA SER B 73 8.32 -27.31 4.90
C SER B 73 9.84 -27.25 4.80
N TYR B 74 10.56 -27.62 5.85
CA TYR B 74 12.03 -27.42 5.86
C TYR B 74 12.83 -27.91 4.64
N PRO B 75 12.66 -29.18 4.23
CA PRO B 75 13.38 -29.63 3.05
C PRO B 75 13.40 -28.63 1.89
N ASP B 76 14.50 -28.56 1.15
CA ASP B 76 14.59 -27.68 -0.04
C ASP B 76 14.70 -26.17 0.21
N THR B 77 14.66 -25.74 1.47
CA THR B 77 14.68 -24.31 1.73
C THR B 77 16.07 -23.74 1.41
N ASP B 78 16.23 -23.17 0.22
CA ASP B 78 17.51 -22.67 -0.21
C ASP B 78 17.98 -21.52 0.68
N VAL B 79 17.06 -20.79 1.33
CA VAL B 79 17.43 -19.61 2.12
C VAL B 79 16.40 -19.40 3.22
N ILE B 80 16.85 -18.85 4.35
CA ILE B 80 16.05 -18.73 5.56
C ILE B 80 15.94 -17.27 6.00
N LEU B 81 14.83 -16.94 6.64
CA LEU B 81 14.58 -15.61 7.19
C LEU B 81 14.21 -15.72 8.66
N MET B 82 15.15 -16.13 9.52
CA MET B 82 14.89 -16.05 10.95
C MET B 82 14.49 -14.62 11.31
N CYS B 83 13.43 -14.47 12.11
CA CYS B 83 12.86 -13.16 12.43
C CYS B 83 12.79 -12.89 13.93
N PHE B 84 12.73 -11.59 14.28
CA PHE B 84 12.44 -11.13 15.63
C PHE B 84 11.72 -9.78 15.47
N SER B 85 11.13 -9.26 16.56
CA SER B 85 10.51 -7.94 16.53
C SER B 85 11.31 -6.99 17.40
N ILE B 86 11.63 -5.80 16.87
CA ILE B 86 12.34 -4.78 17.62
C ILE B 86 11.55 -4.41 18.87
N ASP B 87 10.21 -4.30 18.75
CA ASP B 87 9.32 -3.96 19.86
C ASP B 87 9.23 -5.13 20.85
N SER B 88 9.92 -6.24 20.54
CA SER B 88 10.04 -7.36 21.45
C SER B 88 11.50 -7.81 21.52
N PRO B 89 12.33 -7.23 22.40
CA PRO B 89 13.63 -7.83 22.71
C PRO B 89 13.61 -9.26 23.26
N ASP B 90 12.42 -9.77 23.61
CA ASP B 90 12.30 -11.10 24.20
C ASP B 90 12.41 -12.20 23.15
N SER B 91 12.30 -11.80 21.88
CA SER B 91 12.27 -12.73 20.76
C SER B 91 13.66 -12.93 20.18
N LEU B 92 14.55 -11.94 20.40
CA LEU B 92 15.92 -12.00 19.92
C LEU B 92 16.69 -12.97 20.83
N GLU B 93 16.18 -13.19 22.05
CA GLU B 93 16.73 -14.18 22.95
C GLU B 93 16.48 -15.60 22.40
N ASN B 94 15.34 -15.83 21.75
CA ASN B 94 14.96 -17.16 21.29
C ASN B 94 15.78 -17.57 20.07
N ILE B 95 16.37 -16.57 19.41
CA ILE B 95 17.12 -16.81 18.18
C ILE B 95 18.16 -17.86 18.49
N PRO B 96 19.16 -17.60 19.37
CA PRO B 96 20.16 -18.62 19.71
C PRO B 96 19.58 -19.88 20.38
N GLU B 97 18.51 -19.72 21.19
CA GLU B 97 18.04 -20.82 22.02
C GLU B 97 17.17 -21.78 21.22
N LYS B 98 16.26 -21.27 20.40
CA LYS B 98 15.23 -22.11 19.83
C LYS B 98 15.42 -22.30 18.32
N TRP B 99 15.32 -21.21 17.55
CA TRP B 99 15.04 -21.34 16.12
C TRP B 99 16.31 -21.66 15.32
N THR B 100 17.48 -21.33 15.90
CA THR B 100 18.77 -21.63 15.28
C THR B 100 19.03 -23.12 15.39
N PRO B 101 18.98 -23.71 16.61
CA PRO B 101 19.11 -25.14 16.78
C PRO B 101 18.19 -25.88 15.83
N GLU B 102 16.92 -25.46 15.82
CA GLU B 102 15.92 -26.01 14.93
C GLU B 102 16.56 -26.22 13.54
N VAL B 103 16.72 -25.13 12.80
CA VAL B 103 16.83 -25.19 11.36
C VAL B 103 18.11 -25.90 10.94
N LYS B 104 19.11 -25.87 11.81
CA LYS B 104 20.39 -26.52 11.55
C LYS B 104 20.26 -28.02 11.65
N HIS B 105 19.13 -28.53 12.15
CA HIS B 105 18.78 -29.94 12.03
C HIS B 105 18.12 -30.14 10.67
N PHE B 106 16.97 -29.50 10.49
CA PHE B 106 16.11 -29.70 9.34
C PHE B 106 16.78 -29.22 8.05
N CYS B 107 17.57 -28.15 8.16
CA CYS B 107 18.08 -27.41 7.02
C CYS B 107 19.57 -27.16 7.24
N PRO B 108 20.41 -28.21 7.10
CA PRO B 108 21.72 -28.27 7.75
C PRO B 108 22.74 -27.23 7.31
N ASN B 109 22.82 -26.99 5.99
CA ASN B 109 23.71 -25.97 5.47
C ASN B 109 22.96 -25.20 4.39
N VAL B 110 22.29 -24.13 4.80
CA VAL B 110 21.53 -23.26 3.92
C VAL B 110 21.62 -21.86 4.53
N PRO B 111 21.88 -20.80 3.76
CA PRO B 111 22.13 -19.48 4.36
C PRO B 111 21.06 -19.14 5.39
N ILE B 112 21.39 -18.23 6.30
CA ILE B 112 20.42 -17.65 7.21
C ILE B 112 20.61 -16.15 7.22
N ILE B 113 19.48 -15.45 7.06
CA ILE B 113 19.34 -14.05 7.37
C ILE B 113 18.54 -13.94 8.65
N LEU B 114 19.04 -13.18 9.63
CA LEU B 114 18.25 -12.69 10.75
C LEU B 114 17.48 -11.46 10.25
N VAL B 115 16.18 -11.35 10.60
CA VAL B 115 15.41 -10.17 10.26
C VAL B 115 14.68 -9.66 11.50
N GLY B 116 14.57 -8.33 11.57
CA GLY B 116 13.73 -7.67 12.56
C GLY B 116 12.64 -6.87 11.85
N ASN B 117 11.37 -7.11 12.21
CA ASN B 117 10.26 -6.29 11.73
C ASN B 117 9.67 -5.50 12.88
N LYS B 118 8.54 -4.82 12.59
CA LYS B 118 7.87 -3.93 13.53
C LYS B 118 8.86 -2.83 13.92
N LYS B 119 9.62 -2.37 12.92
CA LYS B 119 10.70 -1.39 13.10
C LYS B 119 10.11 -0.11 13.66
N ASP B 120 9.01 0.31 13.06
CA ASP B 120 8.39 1.60 13.26
C ASP B 120 7.92 1.80 14.71
N LEU B 121 8.25 0.88 15.62
CA LEU B 121 7.71 0.92 16.97
C LEU B 121 8.77 1.37 17.97
N ARG B 122 10.00 1.61 17.50
CA ARG B 122 11.13 1.85 18.39
C ARG B 122 11.03 3.25 19.01
N ASN B 123 10.44 4.16 18.24
CA ASN B 123 10.12 5.52 18.66
C ASN B 123 8.68 5.60 19.19
N ASP B 124 7.85 4.60 18.88
CA ASP B 124 6.49 4.52 19.38
C ASP B 124 6.52 4.60 20.90
N GLU B 125 6.05 5.75 21.45
CA GLU B 125 6.06 6.05 22.87
C GLU B 125 5.47 4.88 23.67
N HIS B 126 4.38 4.29 23.16
CA HIS B 126 3.55 3.38 23.94
C HIS B 126 4.21 2.02 24.14
N THR B 127 4.74 1.43 23.06
CA THR B 127 5.40 0.13 23.15
C THR B 127 6.74 0.31 23.87
N ARG B 128 7.40 1.47 23.62
CA ARG B 128 8.58 1.87 24.36
C ARG B 128 8.30 1.71 25.85
N ARG B 129 7.15 2.22 26.30
CA ARG B 129 6.80 2.30 27.71
C ARG B 129 6.39 0.93 28.23
N GLU B 130 5.21 0.46 27.84
CA GLU B 130 4.58 -0.72 28.41
C GLU B 130 5.52 -1.93 28.37
N LEU B 131 6.76 -1.75 27.89
CA LEU B 131 7.82 -2.74 27.98
C LEU B 131 8.62 -2.58 29.27
N ALA B 132 8.87 -1.33 29.69
CA ALA B 132 9.49 -1.05 30.97
C ALA B 132 8.73 -1.74 32.12
N LYS B 133 7.42 -1.99 31.96
CA LYS B 133 6.63 -2.72 32.96
C LYS B 133 7.09 -4.18 33.06
N MET B 134 7.92 -4.64 32.11
CA MET B 134 8.56 -5.93 32.18
C MET B 134 10.08 -5.75 32.11
N LYS B 135 10.51 -4.50 32.37
CA LYS B 135 11.90 -4.10 32.30
C LYS B 135 12.47 -4.55 30.96
N GLN B 136 12.39 -3.64 29.98
CA GLN B 136 12.90 -3.85 28.64
C GLN B 136 12.72 -2.58 27.80
N GLU B 137 13.47 -2.54 26.70
CA GLU B 137 13.45 -1.46 25.75
C GLU B 137 13.49 -2.02 24.33
N PRO B 138 12.72 -1.47 23.36
CA PRO B 138 12.95 -1.73 21.94
C PRO B 138 14.40 -1.98 21.51
N VAL B 139 14.60 -3.09 20.76
CA VAL B 139 15.91 -3.57 20.35
C VAL B 139 16.57 -2.56 19.40
N LYS B 140 17.86 -2.30 19.61
CA LYS B 140 18.58 -1.39 18.72
C LYS B 140 19.17 -2.17 17.55
N PRO B 141 19.72 -1.48 16.52
CA PRO B 141 20.43 -2.18 15.42
C PRO B 141 21.62 -2.99 15.90
N GLU B 142 22.42 -2.41 16.81
CA GLU B 142 23.65 -3.04 17.27
C GLU B 142 23.37 -4.46 17.73
N GLU B 143 22.48 -4.62 18.72
CA GLU B 143 22.15 -5.93 19.26
C GLU B 143 21.78 -6.84 18.11
N GLY B 144 21.13 -6.27 17.09
CA GLY B 144 20.70 -7.00 15.91
C GLY B 144 21.87 -7.56 15.09
N ARG B 145 22.90 -6.78 14.86
CA ARG B 145 24.01 -7.33 14.14
C ARG B 145 24.69 -8.28 15.01
N ASP B 146 25.05 -7.88 16.21
CA ASP B 146 25.83 -8.79 17.04
C ASP B 146 25.33 -10.23 16.93
N MET B 147 23.98 -10.41 16.93
CA MET B 147 23.37 -11.73 16.98
C MET B 147 23.61 -12.47 15.67
N ALA B 148 23.21 -11.85 14.55
CA ALA B 148 23.39 -12.44 13.23
C ALA B 148 24.58 -13.39 13.24
N ASN B 149 25.74 -12.84 13.62
CA ASN B 149 27.05 -13.47 13.56
C ASN B 149 27.10 -14.54 14.65
N ARG B 150 26.69 -14.25 15.87
CA ARG B 150 26.82 -15.23 16.95
C ARG B 150 26.09 -16.50 16.57
N ILE B 151 24.89 -16.40 16.02
CA ILE B 151 24.25 -17.60 15.46
C ILE B 151 24.87 -18.09 14.15
N GLY B 152 25.46 -17.17 13.37
CA GLY B 152 26.12 -17.52 12.12
C GLY B 152 25.21 -17.22 10.92
N ALA B 153 25.06 -15.93 10.62
CA ALA B 153 24.16 -15.52 9.55
C ALA B 153 24.98 -15.06 8.36
N PHE B 154 24.31 -14.87 7.22
CA PHE B 154 24.87 -14.18 6.08
C PHE B 154 24.81 -12.66 6.30
N GLY B 155 23.66 -12.17 6.80
CA GLY B 155 23.52 -10.77 7.19
C GLY B 155 22.26 -10.52 8.01
N TYR B 156 22.10 -9.29 8.51
CA TYR B 156 20.94 -8.89 9.31
C TYR B 156 20.30 -7.64 8.70
N MET B 157 18.98 -7.45 8.90
CA MET B 157 18.25 -6.38 8.23
C MET B 157 16.93 -6.02 8.90
N GLU B 158 16.66 -4.71 9.01
CA GLU B 158 15.47 -4.21 9.68
C GLU B 158 14.49 -3.60 8.68
N CYS B 159 13.19 -3.67 9.05
CA CYS B 159 12.07 -3.33 8.18
C CYS B 159 10.79 -3.22 9.01
N SER B 160 9.84 -2.40 8.56
CA SER B 160 8.50 -2.42 9.12
C SER B 160 7.55 -3.20 8.21
N ALA B 161 7.09 -4.37 8.67
CA ALA B 161 6.07 -5.15 7.94
C ALA B 161 4.78 -4.34 7.91
N LYS B 162 4.85 -3.01 7.78
CA LYS B 162 3.73 -2.08 7.85
C LYS B 162 4.01 -0.87 6.95
N THR B 163 4.89 0.05 7.38
CA THR B 163 5.12 1.32 6.69
C THR B 163 5.76 1.10 5.32
N LYS B 164 5.99 -0.17 4.95
CA LYS B 164 6.57 -0.58 3.67
C LYS B 164 8.07 -0.29 3.69
N ASP B 165 8.65 -0.35 4.88
CA ASP B 165 10.02 0.06 5.08
C ASP B 165 10.89 -1.19 5.12
N GLY B 166 11.78 -1.36 4.13
CA GLY B 166 12.74 -2.46 4.13
C GLY B 166 12.23 -3.73 3.45
N VAL B 167 10.89 -3.89 3.36
CA VAL B 167 10.24 -5.13 2.95
C VAL B 167 10.64 -5.49 1.52
N ARG B 168 11.27 -4.55 0.80
CA ARG B 168 11.81 -4.79 -0.53
C ARG B 168 13.29 -5.14 -0.45
N GLU B 169 14.02 -4.57 0.51
CA GLU B 169 15.46 -4.79 0.59
C GLU B 169 15.73 -6.06 1.42
N VAL B 170 14.65 -6.68 1.96
CA VAL B 170 14.77 -7.90 2.74
C VAL B 170 14.64 -9.12 1.81
N PHE B 171 13.85 -9.01 0.75
CA PHE B 171 13.78 -10.11 -0.20
C PHE B 171 14.93 -9.98 -1.20
N GLU B 172 15.32 -8.73 -1.52
CA GLU B 172 16.41 -8.46 -2.45
C GLU B 172 17.71 -9.11 -1.99
N MET B 173 17.95 -9.15 -0.67
CA MET B 173 19.12 -9.82 -0.12
C MET B 173 18.79 -11.28 0.14
N ALA B 174 17.60 -11.56 0.68
CA ALA B 174 17.18 -12.92 0.95
C ALA B 174 17.60 -13.83 -0.20
N THR B 175 17.22 -13.45 -1.41
CA THR B 175 17.43 -14.30 -2.59
C THR B 175 18.91 -14.30 -2.95
N ARG B 176 19.58 -13.16 -2.75
CA ARG B 176 20.95 -12.97 -3.19
C ARG B 176 21.85 -14.04 -2.55
N ALA B 177 21.58 -14.39 -1.29
CA ALA B 177 22.40 -15.33 -0.55
C ALA B 177 22.19 -16.77 -1.06
N ALA B 178 20.93 -17.10 -1.37
CA ALA B 178 20.51 -18.45 -1.76
C ALA B 178 21.24 -18.94 -3.01
N LEU B 179 22.07 -18.07 -3.60
CA LEU B 179 22.78 -18.37 -4.84
C LEU B 179 24.25 -18.60 -4.55
N GLN B 180 24.68 -18.33 -3.31
CA GLN B 180 26.05 -18.62 -2.87
C GLN B 180 26.67 -19.77 -3.70
N ILE C 4 -17.27 32.71 0.74
CA ILE C 4 -18.68 32.25 1.01
C ILE C 4 -19.32 31.79 -0.30
N ARG C 5 -18.76 32.16 -1.45
CA ARG C 5 -19.24 31.61 -2.70
C ARG C 5 -18.08 31.36 -3.68
N LYS C 6 -17.68 30.10 -3.77
CA LYS C 6 -16.52 29.72 -4.58
C LYS C 6 -16.95 28.81 -5.75
N LYS C 7 -16.07 28.73 -6.76
CA LYS C 7 -16.30 27.97 -7.98
C LYS C 7 -15.19 26.94 -8.21
N LEU C 8 -15.61 25.76 -8.67
CA LEU C 8 -14.70 24.64 -8.89
C LEU C 8 -14.84 24.18 -10.35
N VAL C 9 -13.94 23.30 -10.80
CA VAL C 9 -14.10 22.58 -12.05
C VAL C 9 -13.46 21.21 -11.92
N ILE C 10 -14.17 20.20 -12.41
CA ILE C 10 -13.58 18.88 -12.49
C ILE C 10 -13.08 18.67 -13.92
N VAL C 11 -11.96 17.94 -14.05
CA VAL C 11 -11.47 17.50 -15.35
C VAL C 11 -11.17 16.01 -15.23
N GLY C 12 -10.34 15.51 -16.16
CA GLY C 12 -10.00 14.10 -16.20
C GLY C 12 -10.47 13.48 -17.51
N ASP C 13 -9.90 12.33 -17.81
CA ASP C 13 -10.38 11.60 -18.99
C ASP C 13 -11.65 10.87 -18.57
N GLY C 14 -12.20 10.05 -19.45
CA GLY C 14 -13.49 9.43 -19.14
C GLY C 14 -13.41 8.45 -18.02
N ALA C 15 -14.55 7.92 -17.57
CA ALA C 15 -14.59 6.84 -16.56
C ALA C 15 -14.10 7.18 -15.15
N CYS C 16 -13.25 8.18 -15.02
CA CYS C 16 -12.69 8.50 -13.71
C CYS C 16 -13.72 8.38 -12.59
N GLY C 17 -14.93 8.87 -12.84
CA GLY C 17 -15.96 8.87 -11.82
C GLY C 17 -16.27 10.31 -11.49
N LYS C 18 -15.78 11.22 -12.34
CA LYS C 18 -15.99 12.64 -12.09
C LYS C 18 -17.45 12.96 -11.85
N THR C 19 -18.28 12.70 -12.85
CA THR C 19 -19.68 13.06 -12.72
C THR C 19 -20.21 12.38 -11.46
N CYS C 20 -19.71 11.18 -11.17
CA CYS C 20 -20.21 10.41 -10.03
C CYS C 20 -19.85 11.09 -8.72
N LEU C 21 -18.57 11.44 -8.55
CA LEU C 21 -18.05 12.11 -7.37
C LEU C 21 -18.95 13.29 -6.96
N LEU C 22 -19.56 13.94 -7.95
CA LEU C 22 -20.48 15.05 -7.72
C LEU C 22 -21.82 14.52 -7.21
N ILE C 23 -22.37 13.51 -7.90
CA ILE C 23 -23.69 12.97 -7.57
C ILE C 23 -23.59 12.08 -6.34
N VAL C 24 -22.36 11.73 -5.95
CA VAL C 24 -22.12 11.02 -4.70
C VAL C 24 -22.15 12.01 -3.53
N ASN C 25 -21.51 13.17 -3.69
CA ASN C 25 -21.45 14.17 -2.64
C ASN C 25 -22.81 14.83 -2.43
N SER C 26 -23.28 15.50 -3.48
CA SER C 26 -24.45 16.35 -3.45
C SER C 26 -25.72 15.63 -2.99
N LYS C 27 -25.90 14.36 -3.43
CA LYS C 27 -27.11 13.59 -3.16
C LYS C 27 -26.93 12.64 -1.99
N ASP C 28 -25.68 12.27 -1.70
CA ASP C 28 -25.32 11.42 -0.56
C ASP C 28 -25.40 9.95 -0.93
N GLN C 29 -25.96 9.66 -2.12
CA GLN C 29 -25.99 8.29 -2.61
C GLN C 29 -25.14 8.24 -3.86
N PHE C 30 -24.68 7.04 -4.21
CA PHE C 30 -24.10 6.78 -5.51
C PHE C 30 -25.23 6.53 -6.50
N PRO C 31 -25.19 7.14 -7.71
CA PRO C 31 -26.13 6.81 -8.76
C PRO C 31 -25.82 5.45 -9.39
N GLU C 32 -26.59 4.43 -9.00
CA GLU C 32 -26.35 3.06 -9.46
C GLU C 32 -27.01 2.85 -10.82
N VAL C 33 -28.04 3.66 -11.12
CA VAL C 33 -28.66 3.74 -12.43
C VAL C 33 -28.07 4.94 -13.19
N TYR C 34 -28.78 5.42 -14.21
CA TYR C 34 -28.21 6.36 -15.18
C TYR C 34 -27.47 7.46 -14.42
N VAL C 35 -26.19 7.64 -14.79
CA VAL C 35 -25.35 8.73 -14.36
C VAL C 35 -25.11 9.66 -15.56
N PRO C 36 -25.32 10.98 -15.43
CA PRO C 36 -25.24 11.89 -16.56
C PRO C 36 -23.88 11.88 -17.26
N THR C 37 -23.88 12.35 -18.51
CA THR C 37 -22.66 12.76 -19.16
C THR C 37 -22.05 13.89 -18.34
N VAL C 38 -22.92 14.78 -17.83
CA VAL C 38 -22.51 15.82 -16.91
C VAL C 38 -23.68 16.15 -15.98
N PHE C 39 -23.33 16.42 -14.73
CA PHE C 39 -24.28 16.83 -13.72
C PHE C 39 -24.21 18.34 -13.59
N GLU C 40 -25.26 19.03 -14.05
CA GLU C 40 -25.19 20.47 -14.23
C GLU C 40 -25.88 21.21 -13.07
N ASN C 41 -25.22 22.26 -12.58
CA ASN C 41 -25.88 23.26 -11.74
C ASN C 41 -26.26 22.65 -10.40
N TYR C 42 -25.28 22.64 -9.48
CA TYR C 42 -25.53 22.44 -8.06
C TYR C 42 -24.34 22.98 -7.26
N VAL C 43 -24.66 23.69 -6.18
CA VAL C 43 -23.70 24.17 -5.20
C VAL C 43 -23.77 23.23 -4.00
N ALA C 44 -22.60 22.78 -3.51
CA ALA C 44 -22.51 22.17 -2.19
C ALA C 44 -22.17 23.27 -1.19
N ASP C 45 -22.74 23.18 0.03
CA ASP C 45 -22.38 24.06 1.13
C ASP C 45 -21.39 23.33 2.03
N ILE C 46 -20.12 23.68 1.89
CA ILE C 46 -19.06 23.09 2.70
C ILE C 46 -18.73 24.07 3.81
N GLU C 47 -19.39 23.88 4.98
CA GLU C 47 -19.10 24.71 6.14
C GLU C 47 -17.76 24.28 6.75
N VAL C 48 -16.67 24.87 6.22
CA VAL C 48 -15.33 24.50 6.64
C VAL C 48 -15.03 25.23 7.94
N ASP C 49 -14.71 24.44 8.97
CA ASP C 49 -14.41 24.90 10.33
C ASP C 49 -14.52 26.42 10.44
N GLY C 50 -15.71 26.87 10.83
CA GLY C 50 -15.92 28.26 11.23
C GLY C 50 -16.00 29.19 10.02
N LYS C 51 -16.38 28.64 8.85
CA LYS C 51 -16.79 29.49 7.75
C LYS C 51 -17.80 28.75 6.87
N GLN C 52 -18.77 29.53 6.37
CA GLN C 52 -19.80 29.09 5.45
C GLN C 52 -19.38 29.46 4.04
N VAL C 53 -19.16 28.43 3.22
CA VAL C 53 -18.80 28.59 1.82
C VAL C 53 -19.70 27.69 0.99
N GLU C 54 -20.40 28.31 0.03
CA GLU C 54 -21.28 27.61 -0.89
C GLU C 54 -20.55 27.46 -2.23
N LEU C 55 -20.03 26.25 -2.48
CA LEU C 55 -19.13 26.02 -3.60
C LEU C 55 -19.90 25.53 -4.82
N ALA C 56 -19.68 26.19 -5.97
CA ALA C 56 -20.26 25.76 -7.24
C ALA C 56 -19.36 24.74 -7.93
N LEU C 57 -19.93 23.55 -8.21
CA LEU C 57 -19.27 22.42 -8.85
C LEU C 57 -19.54 22.40 -10.37
N TRP C 58 -18.50 22.34 -11.22
CA TRP C 58 -18.71 22.48 -12.66
C TRP C 58 -18.18 21.30 -13.48
N ASP C 59 -19.08 20.43 -13.92
CA ASP C 59 -18.71 19.15 -14.51
C ASP C 59 -18.24 19.32 -15.96
N THR C 60 -17.49 18.34 -16.46
CA THR C 60 -17.00 18.31 -17.84
C THR C 60 -17.02 16.85 -18.33
N ALA C 61 -16.72 16.64 -19.63
CA ALA C 61 -16.88 15.34 -20.26
C ALA C 61 -16.10 15.27 -21.57
N GLY C 62 -16.46 14.34 -22.46
CA GLY C 62 -15.67 14.05 -23.65
C GLY C 62 -16.48 14.18 -24.93
N TYR C 66 -19.09 16.97 -26.73
CA TYR C 66 -18.42 17.83 -25.72
C TYR C 66 -16.97 17.96 -26.18
N ASP C 67 -16.02 18.09 -25.23
CA ASP C 67 -14.60 18.23 -25.53
C ASP C 67 -14.28 19.62 -26.12
N ARG C 68 -15.30 20.37 -26.54
CA ARG C 68 -15.10 21.63 -27.23
C ARG C 68 -15.77 22.73 -26.43
N LEU C 69 -16.02 22.44 -25.16
CA LEU C 69 -16.94 23.19 -24.33
C LEU C 69 -16.26 23.50 -23.00
N ARG C 70 -15.64 22.46 -22.42
CA ARG C 70 -14.88 22.54 -21.20
C ARG C 70 -14.13 23.87 -21.13
N PRO C 71 -13.46 24.31 -22.21
CA PRO C 71 -12.79 25.61 -22.03
C PRO C 71 -13.68 26.73 -21.47
N LEU C 72 -14.93 26.85 -21.91
CA LEU C 72 -15.79 27.98 -21.49
C LEU C 72 -16.32 27.94 -20.05
N SER C 73 -15.91 26.96 -19.26
CA SER C 73 -16.34 26.84 -17.87
C SER C 73 -15.19 27.21 -16.93
N TYR C 74 -14.04 27.56 -17.50
CA TYR C 74 -12.84 27.87 -16.75
C TYR C 74 -12.82 29.33 -16.27
N PRO C 75 -13.54 30.29 -16.90
CA PRO C 75 -13.43 31.69 -16.47
C PRO C 75 -13.84 31.95 -15.02
N ASP C 76 -13.16 32.89 -14.38
CA ASP C 76 -13.47 33.24 -13.00
C ASP C 76 -13.61 32.00 -12.12
N THR C 77 -12.83 30.94 -12.43
CA THR C 77 -12.77 29.71 -11.64
C THR C 77 -12.05 30.03 -10.32
N ASP C 78 -12.21 29.20 -9.28
CA ASP C 78 -11.64 29.48 -7.97
C ASP C 78 -10.73 28.32 -7.51
N VAL C 79 -11.24 27.09 -7.55
CA VAL C 79 -10.45 25.88 -7.35
C VAL C 79 -10.70 24.92 -8.53
N ILE C 80 -9.96 23.80 -8.59
CA ILE C 80 -10.22 22.71 -9.52
C ILE C 80 -10.14 21.36 -8.79
N LEU C 81 -10.68 20.31 -9.43
CA LEU C 81 -10.32 18.93 -9.11
C LEU C 81 -9.78 18.25 -10.36
N MET C 82 -8.50 17.84 -10.32
CA MET C 82 -7.93 16.99 -11.36
C MET C 82 -8.15 15.55 -10.90
N CYS C 83 -8.26 14.63 -11.86
CA CYS C 83 -8.68 13.28 -11.55
C CYS C 83 -8.10 12.31 -12.55
N PHE C 84 -7.67 11.16 -12.02
CA PHE C 84 -7.42 9.95 -12.81
C PHE C 84 -8.20 8.80 -12.17
N SER C 85 -7.84 7.58 -12.59
CA SER C 85 -8.50 6.37 -12.15
C SER C 85 -7.48 5.27 -11.86
N ILE C 86 -7.73 4.55 -10.75
CA ILE C 86 -6.86 3.51 -10.25
C ILE C 86 -7.35 2.17 -10.80
N ASP C 87 -8.02 2.23 -11.97
CA ASP C 87 -8.36 1.07 -12.76
C ASP C 87 -7.98 1.31 -14.23
N SER C 88 -7.16 2.34 -14.49
CA SER C 88 -6.77 2.74 -15.83
C SER C 88 -5.48 3.57 -15.77
N PRO C 89 -4.31 2.98 -15.39
CA PRO C 89 -3.11 3.75 -15.08
C PRO C 89 -2.81 4.83 -16.12
N ASP C 90 -3.20 4.58 -17.36
CA ASP C 90 -3.01 5.55 -18.42
C ASP C 90 -3.84 6.81 -18.14
N SER C 91 -4.82 6.70 -17.24
CA SER C 91 -5.61 7.85 -16.83
C SER C 91 -4.73 8.84 -16.07
N LEU C 92 -3.64 8.34 -15.46
CA LEU C 92 -2.79 9.17 -14.61
C LEU C 92 -1.65 9.81 -15.41
N GLU C 93 -1.30 9.27 -16.59
CA GLU C 93 -0.22 9.83 -17.39
C GLU C 93 -0.73 10.92 -18.32
N ASN C 94 -2.04 10.93 -18.60
CA ASN C 94 -2.62 12.04 -19.33
C ASN C 94 -2.82 13.23 -18.39
N ILE C 95 -2.51 13.08 -17.11
CA ILE C 95 -2.60 14.20 -16.19
C ILE C 95 -1.51 15.20 -16.52
N PRO C 96 -0.21 14.80 -16.57
CA PRO C 96 0.83 15.71 -17.03
C PRO C 96 0.80 16.05 -18.52
N GLU C 97 0.46 15.05 -19.34
CA GLU C 97 0.49 15.21 -20.79
C GLU C 97 -0.74 15.97 -21.27
N LYS C 98 -1.93 15.62 -20.76
CA LYS C 98 -3.17 16.26 -21.18
C LYS C 98 -3.57 17.40 -20.23
N TRP C 99 -3.89 17.10 -18.97
CA TRP C 99 -4.69 18.01 -18.17
C TRP C 99 -3.91 19.12 -17.48
N THR C 100 -2.62 18.93 -17.21
CA THR C 100 -1.80 19.90 -16.48
C THR C 100 -1.64 21.19 -17.30
N PRO C 101 -1.35 21.12 -18.63
CA PRO C 101 -1.27 22.33 -19.45
C PRO C 101 -2.57 23.13 -19.69
N GLU C 102 -3.67 22.42 -19.98
CA GLU C 102 -4.96 23.04 -20.27
C GLU C 102 -5.48 23.80 -19.04
N VAL C 103 -5.35 23.22 -17.85
CA VAL C 103 -5.82 23.86 -16.63
C VAL C 103 -4.84 24.97 -16.25
N LYS C 104 -3.65 25.00 -16.86
CA LYS C 104 -2.74 26.12 -16.67
C LYS C 104 -2.84 27.11 -17.83
N HIS C 105 -3.34 26.63 -18.98
CA HIS C 105 -3.62 27.46 -20.14
C HIS C 105 -4.56 28.61 -19.74
N PHE C 106 -5.46 28.30 -18.83
CA PHE C 106 -6.51 29.22 -18.42
C PHE C 106 -6.23 29.71 -16.99
N CYS C 107 -5.97 28.76 -16.08
CA CYS C 107 -5.84 29.04 -14.66
C CYS C 107 -4.36 28.94 -14.27
N PRO C 108 -3.59 30.05 -14.38
CA PRO C 108 -2.20 30.02 -13.92
C PRO C 108 -2.18 29.89 -12.40
N ASN C 109 -3.05 30.65 -11.72
CA ASN C 109 -2.94 30.78 -10.28
C ASN C 109 -4.23 30.31 -9.61
N VAL C 110 -4.66 29.09 -10.00
CA VAL C 110 -5.73 28.35 -9.35
C VAL C 110 -5.14 27.06 -8.78
N PRO C 111 -5.53 26.62 -7.55
CA PRO C 111 -4.98 25.41 -6.97
C PRO C 111 -5.56 24.14 -7.57
N ILE C 112 -4.75 23.07 -7.56
CA ILE C 112 -5.17 21.81 -8.13
C ILE C 112 -5.15 20.73 -7.04
N ILE C 113 -6.16 19.83 -7.07
CA ILE C 113 -6.33 18.75 -6.13
C ILE C 113 -6.42 17.44 -6.90
N LEU C 114 -5.26 16.82 -7.16
CA LEU C 114 -5.20 15.55 -7.88
C LEU C 114 -5.83 14.45 -7.03
N VAL C 115 -6.68 13.62 -7.66
CA VAL C 115 -7.52 12.65 -6.95
C VAL C 115 -7.13 11.26 -7.43
N GLY C 116 -7.32 10.25 -6.56
CA GLY C 116 -7.52 8.88 -6.99
C GLY C 116 -8.99 8.48 -6.90
N ASN C 117 -9.70 8.47 -8.03
CA ASN C 117 -11.08 7.99 -8.00
C ASN C 117 -11.12 6.49 -8.20
N LYS C 118 -12.17 5.88 -7.61
CA LYS C 118 -12.38 4.44 -7.56
C LYS C 118 -11.11 3.76 -7.02
N LYS C 119 -10.76 4.07 -5.76
CA LYS C 119 -9.68 3.38 -5.07
C LYS C 119 -10.17 2.01 -4.57
N ASP C 120 -11.50 1.81 -4.59
CA ASP C 120 -12.13 0.55 -4.26
C ASP C 120 -11.60 -0.65 -5.06
N LEU C 121 -11.05 -0.43 -6.28
CA LEU C 121 -10.64 -1.53 -7.15
C LEU C 121 -9.16 -1.90 -6.95
N ARG C 122 -8.61 -1.60 -5.78
CA ARG C 122 -7.22 -1.91 -5.47
C ARG C 122 -7.01 -3.42 -5.53
N ASN C 123 -8.06 -4.18 -5.21
CA ASN C 123 -8.00 -5.63 -5.12
C ASN C 123 -8.93 -6.26 -6.17
N ASP C 124 -10.17 -5.75 -6.25
CA ASP C 124 -11.22 -6.33 -7.08
C ASP C 124 -10.89 -7.77 -7.41
N GLU C 125 -10.49 -8.04 -8.67
CA GLU C 125 -10.19 -9.37 -9.16
C GLU C 125 -9.97 -9.29 -10.67
N HIS C 126 -11.04 -8.94 -11.39
CA HIS C 126 -11.03 -8.81 -12.83
C HIS C 126 -10.45 -7.44 -13.22
N THR C 127 -10.28 -6.54 -12.23
CA THR C 127 -9.51 -5.30 -12.40
C THR C 127 -8.06 -5.67 -12.70
N ARG C 128 -7.37 -6.16 -11.67
CA ARG C 128 -5.95 -6.38 -11.70
C ARG C 128 -5.62 -7.50 -12.68
N ARG C 129 -6.31 -8.62 -12.51
CA ARG C 129 -6.06 -9.79 -13.35
C ARG C 129 -6.37 -9.53 -14.80
N GLU C 130 -6.95 -8.39 -15.07
CA GLU C 130 -7.15 -8.00 -16.46
C GLU C 130 -6.19 -6.87 -16.83
N LEU C 131 -5.78 -6.04 -15.87
CA LEU C 131 -4.78 -5.02 -16.13
C LEU C 131 -3.46 -5.70 -16.46
N ALA C 132 -3.29 -6.92 -15.93
CA ALA C 132 -2.12 -7.75 -16.19
C ALA C 132 -2.14 -8.30 -17.61
N LYS C 133 -3.29 -8.23 -18.30
CA LYS C 133 -3.38 -8.58 -19.71
C LYS C 133 -2.59 -7.58 -20.56
N MET C 134 -2.26 -6.42 -20.00
CA MET C 134 -1.47 -5.44 -20.71
C MET C 134 -0.18 -5.17 -19.94
N LYS C 135 0.20 -6.09 -19.06
CA LYS C 135 1.41 -5.95 -18.28
C LYS C 135 1.33 -4.74 -17.35
N GLN C 136 0.14 -4.48 -16.79
CA GLN C 136 -0.09 -3.29 -15.98
C GLN C 136 -0.50 -3.65 -14.54
N GLU C 137 -0.47 -2.65 -13.66
CA GLU C 137 -0.87 -2.80 -12.26
C GLU C 137 -1.72 -1.60 -11.81
N PRO C 138 -2.72 -1.82 -10.92
CA PRO C 138 -3.47 -0.74 -10.27
C PRO C 138 -2.54 0.34 -9.73
N VAL C 139 -3.04 1.58 -9.78
CA VAL C 139 -2.23 2.73 -9.47
C VAL C 139 -1.94 2.74 -7.96
N LYS C 140 -0.68 3.08 -7.65
CA LYS C 140 -0.15 3.04 -6.32
C LYS C 140 -0.42 4.39 -5.68
N PRO C 141 -0.74 4.43 -4.38
CA PRO C 141 -1.03 5.71 -3.74
C PRO C 141 0.19 6.60 -3.73
N GLU C 142 1.33 6.08 -4.22
CA GLU C 142 2.60 6.72 -3.99
C GLU C 142 2.95 7.57 -5.19
N GLU C 143 3.11 6.91 -6.35
CA GLU C 143 3.03 7.58 -7.64
C GLU C 143 1.62 8.16 -7.82
N GLY C 144 1.15 8.91 -6.83
CA GLY C 144 -0.03 9.72 -6.95
C GLY C 144 0.19 11.03 -6.20
N ARG C 145 0.87 10.96 -5.06
CA ARG C 145 1.37 12.17 -4.41
C ARG C 145 2.69 12.61 -5.02
N ASP C 146 3.31 11.67 -5.75
CA ASP C 146 4.59 11.92 -6.42
C ASP C 146 4.31 12.80 -7.64
N MET C 147 3.28 12.38 -8.42
CA MET C 147 2.73 13.17 -9.51
C MET C 147 2.16 14.48 -8.97
N ALA C 148 1.36 14.37 -7.90
CA ALA C 148 0.78 15.54 -7.26
C ALA C 148 1.86 16.62 -7.11
N ASN C 149 3.10 16.22 -6.79
CA ASN C 149 4.15 17.16 -6.47
C ASN C 149 4.84 17.64 -7.74
N ARG C 150 5.18 16.72 -8.66
CA ARG C 150 5.80 17.12 -9.92
C ARG C 150 4.88 18.08 -10.68
N ILE C 151 3.55 17.89 -10.53
CA ILE C 151 2.59 18.76 -11.20
C ILE C 151 2.46 20.06 -10.40
N GLY C 152 2.30 19.94 -9.08
CA GLY C 152 2.11 21.10 -8.22
C GLY C 152 0.74 21.15 -7.54
N ALA C 153 0.14 19.97 -7.27
CA ALA C 153 -1.20 19.89 -6.72
C ALA C 153 -1.20 20.29 -5.25
N PHE C 154 -1.93 21.36 -4.93
CA PHE C 154 -2.07 21.84 -3.57
C PHE C 154 -2.02 20.66 -2.60
N GLY C 155 -2.87 19.65 -2.85
CA GLY C 155 -2.89 18.43 -2.04
C GLY C 155 -3.20 17.21 -2.89
N TYR C 156 -3.25 16.03 -2.25
CA TYR C 156 -3.47 14.77 -2.96
C TYR C 156 -4.30 13.84 -2.08
N MET C 157 -5.47 13.42 -2.60
CA MET C 157 -6.46 12.66 -1.83
C MET C 157 -7.16 11.62 -2.69
N GLU C 158 -7.42 10.47 -2.10
CA GLU C 158 -8.06 9.36 -2.80
C GLU C 158 -9.43 9.12 -2.16
N CYS C 159 -10.19 8.19 -2.76
CA CYS C 159 -11.56 7.94 -2.35
C CYS C 159 -12.12 6.74 -3.09
N SER C 160 -13.31 6.27 -2.68
CA SER C 160 -14.15 5.44 -3.51
C SER C 160 -15.55 6.05 -3.60
N ALA C 161 -16.03 6.27 -4.82
CA ALA C 161 -17.37 6.82 -4.99
C ALA C 161 -18.42 5.74 -4.76
N LYS C 162 -18.10 4.49 -5.12
CA LYS C 162 -19.02 3.38 -4.96
C LYS C 162 -19.28 3.13 -3.48
N THR C 163 -18.24 3.38 -2.68
CA THR C 163 -18.23 3.12 -1.25
C THR C 163 -18.19 4.43 -0.47
N LYS C 164 -18.18 5.57 -1.19
CA LYS C 164 -18.28 6.91 -0.63
C LYS C 164 -17.14 7.21 0.35
N ASP C 165 -16.15 6.31 0.45
CA ASP C 165 -15.05 6.51 1.36
C ASP C 165 -14.12 7.58 0.78
N GLY C 166 -14.18 8.78 1.36
CA GLY C 166 -13.19 9.81 1.12
C GLY C 166 -13.69 10.90 0.18
N VAL C 167 -15.00 10.86 -0.15
CA VAL C 167 -15.61 11.79 -1.10
C VAL C 167 -15.82 13.15 -0.43
N ARG C 168 -15.90 13.15 0.91
CA ARG C 168 -16.18 14.39 1.63
C ARG C 168 -14.89 15.21 1.77
N GLU C 169 -13.78 14.51 2.05
CA GLU C 169 -12.51 15.16 2.37
C GLU C 169 -12.01 15.92 1.13
N VAL C 170 -12.22 15.34 -0.06
CA VAL C 170 -11.85 15.95 -1.31
C VAL C 170 -12.54 17.32 -1.44
N PHE C 171 -13.79 17.42 -0.97
CA PHE C 171 -14.53 18.68 -1.01
C PHE C 171 -14.36 19.44 0.31
N GLU C 172 -13.48 18.94 1.19
CA GLU C 172 -12.99 19.73 2.31
C GLU C 172 -11.78 20.56 1.88
N MET C 173 -10.94 19.96 1.00
CA MET C 173 -9.59 20.42 0.73
C MET C 173 -9.60 21.56 -0.30
N ALA C 174 -10.57 21.51 -1.22
CA ALA C 174 -10.66 22.48 -2.31
C ALA C 174 -11.26 23.78 -1.80
N THR C 175 -12.18 23.64 -0.84
CA THR C 175 -12.80 24.80 -0.23
C THR C 175 -11.77 25.61 0.54
N ARG C 176 -10.84 24.91 1.21
CA ARG C 176 -9.70 25.53 1.86
C ARG C 176 -8.91 26.36 0.84
N ALA C 177 -8.71 25.80 -0.37
CA ALA C 177 -7.68 26.25 -1.30
C ALA C 177 -8.15 27.40 -2.19
N ALA C 178 -9.47 27.53 -2.39
CA ALA C 178 -10.00 28.70 -3.07
C ALA C 178 -10.13 29.85 -2.08
N LEU C 179 -10.14 29.53 -0.78
CA LEU C 179 -10.45 30.51 0.26
C LEU C 179 -9.29 31.45 0.54
N GLN C 180 -8.07 31.12 0.08
CA GLN C 180 -6.88 31.88 0.42
C GLN C 180 -6.66 33.00 -0.62
N ILE D 4 -28.98 -16.75 24.97
CA ILE D 4 -27.85 -15.80 24.79
C ILE D 4 -26.94 -16.31 23.67
N ARG D 5 -26.23 -17.39 23.92
CA ARG D 5 -25.37 -17.97 22.93
C ARG D 5 -26.10 -18.71 21.88
N LYS D 6 -26.01 -18.27 20.66
CA LYS D 6 -26.63 -18.95 19.54
C LYS D 6 -25.56 -19.26 18.48
N LYS D 7 -25.82 -20.27 17.65
CA LYS D 7 -24.88 -20.76 16.65
C LYS D 7 -25.45 -20.53 15.24
N LEU D 8 -24.79 -19.64 14.46
CA LEU D 8 -25.16 -19.34 13.08
C LEU D 8 -24.23 -20.12 12.14
N VAL D 9 -24.73 -20.47 10.93
CA VAL D 9 -23.96 -21.23 9.96
C VAL D 9 -24.31 -20.74 8.56
N ILE D 10 -23.36 -20.04 7.93
CA ILE D 10 -23.51 -19.61 6.55
C ILE D 10 -23.37 -20.84 5.63
N VAL D 11 -23.90 -20.71 4.40
CA VAL D 11 -23.66 -21.65 3.31
C VAL D 11 -23.57 -20.81 2.03
N GLY D 12 -23.44 -21.49 0.89
CA GLY D 12 -23.46 -20.83 -0.40
C GLY D 12 -22.43 -21.47 -1.32
N ASP D 13 -22.57 -21.21 -2.63
CA ASP D 13 -21.79 -21.88 -3.65
C ASP D 13 -20.29 -21.75 -3.38
N GLY D 14 -19.81 -20.50 -3.36
CA GLY D 14 -18.38 -20.23 -3.43
C GLY D 14 -18.08 -19.31 -4.62
N ALA D 15 -18.09 -18.00 -4.36
CA ALA D 15 -18.44 -16.95 -5.31
C ALA D 15 -19.51 -16.05 -4.68
N CYS D 16 -20.21 -16.60 -3.69
CA CYS D 16 -21.43 -16.02 -3.12
C CYS D 16 -21.13 -14.65 -2.50
N GLY D 17 -20.29 -14.65 -1.46
CA GLY D 17 -19.92 -13.45 -0.74
C GLY D 17 -19.95 -13.70 0.77
N LYS D 18 -19.74 -14.98 1.15
CA LYS D 18 -20.05 -15.49 2.47
C LYS D 18 -19.01 -14.99 3.48
N THR D 19 -17.75 -15.13 3.07
CA THR D 19 -16.61 -14.86 3.92
C THR D 19 -16.46 -13.36 4.10
N CYS D 20 -16.55 -12.62 3.00
CA CYS D 20 -16.51 -11.16 3.09
C CYS D 20 -17.72 -10.58 3.81
N LEU D 21 -18.87 -11.29 3.81
CA LEU D 21 -20.10 -10.84 4.42
C LEU D 21 -19.99 -10.93 5.94
N LEU D 22 -19.48 -12.06 6.43
CA LEU D 22 -19.26 -12.22 7.86
C LEU D 22 -18.30 -11.15 8.34
N ILE D 23 -17.08 -11.17 7.79
CA ILE D 23 -16.06 -10.24 8.23
C ILE D 23 -16.73 -8.90 8.45
N VAL D 24 -17.12 -8.23 7.35
CA VAL D 24 -17.49 -6.81 7.34
C VAL D 24 -18.17 -6.44 8.65
N ASN D 25 -19.16 -7.24 9.06
CA ASN D 25 -19.82 -7.05 10.35
C ASN D 25 -18.75 -6.89 11.44
N SER D 26 -17.97 -7.95 11.64
CA SER D 26 -17.07 -8.04 12.77
C SER D 26 -16.12 -6.84 12.83
N LYS D 27 -15.70 -6.32 11.67
CA LYS D 27 -14.53 -5.46 11.57
C LYS D 27 -14.87 -4.08 11.00
N ASP D 28 -16.16 -3.77 10.86
CA ASP D 28 -16.61 -2.51 10.28
C ASP D 28 -15.80 -2.21 9.01
N GLN D 29 -15.08 -3.21 8.48
CA GLN D 29 -14.30 -3.08 7.26
C GLN D 29 -14.53 -4.31 6.38
N PHE D 30 -14.63 -4.06 5.07
CA PHE D 30 -14.66 -5.12 4.06
C PHE D 30 -13.21 -5.43 3.67
N PRO D 31 -12.78 -6.70 3.74
CA PRO D 31 -11.37 -7.07 3.54
C PRO D 31 -11.00 -6.96 2.06
N GLU D 32 -9.81 -6.41 1.78
CA GLU D 32 -9.36 -6.21 0.41
C GLU D 32 -8.11 -7.03 0.09
N VAL D 33 -7.23 -7.17 1.08
CA VAL D 33 -5.86 -7.58 0.83
C VAL D 33 -5.76 -9.09 1.00
N TYR D 34 -6.33 -9.63 2.09
CA TYR D 34 -6.36 -11.08 2.28
C TYR D 34 -7.70 -11.53 2.85
N VAL D 35 -8.30 -12.53 2.17
CA VAL D 35 -9.57 -13.12 2.57
C VAL D 35 -9.44 -14.64 2.57
N PRO D 36 -9.88 -15.36 3.63
CA PRO D 36 -9.78 -16.82 3.67
C PRO D 36 -10.90 -17.54 2.90
N THR D 37 -10.77 -18.88 2.78
CA THR D 37 -11.88 -19.71 2.33
C THR D 37 -12.96 -19.74 3.40
N VAL D 38 -12.57 -19.46 4.66
CA VAL D 38 -13.40 -19.65 5.82
C VAL D 38 -13.02 -18.55 6.81
N PHE D 39 -13.96 -17.65 7.12
CA PHE D 39 -13.80 -16.78 8.29
C PHE D 39 -14.36 -17.55 9.48
N GLU D 40 -13.54 -18.00 10.37
CA GLU D 40 -14.16 -18.93 11.32
C GLU D 40 -14.61 -18.53 12.69
N ASN D 41 -13.73 -18.20 13.58
CA ASN D 41 -13.83 -18.35 15.03
C ASN D 41 -14.24 -16.88 15.21
N TYR D 42 -15.48 -16.68 15.68
CA TYR D 42 -15.96 -15.40 16.17
C TYR D 42 -17.34 -15.60 16.78
N VAL D 43 -17.61 -14.87 17.88
CA VAL D 43 -18.96 -14.82 18.44
C VAL D 43 -19.40 -13.37 18.54
N ALA D 44 -20.04 -12.89 17.48
CA ALA D 44 -20.58 -11.55 17.39
C ALA D 44 -21.73 -11.35 18.38
N ASP D 45 -21.67 -10.24 19.14
CA ASP D 45 -22.67 -9.92 20.14
C ASP D 45 -23.74 -9.02 19.54
N ILE D 46 -24.56 -9.56 18.62
CA ILE D 46 -25.67 -8.82 18.06
C ILE D 46 -26.64 -8.49 19.19
N GLU D 47 -26.92 -7.19 19.39
CA GLU D 47 -27.67 -6.73 20.55
C GLU D 47 -29.02 -6.20 20.10
N VAL D 48 -29.87 -7.11 19.57
CA VAL D 48 -31.18 -6.73 19.05
C VAL D 48 -32.12 -6.47 20.22
N ASP D 49 -32.96 -5.42 20.05
CA ASP D 49 -33.98 -5.05 21.03
C ASP D 49 -34.50 -6.31 21.72
N GLY D 50 -34.30 -6.39 23.03
CA GLY D 50 -34.61 -7.58 23.82
C GLY D 50 -33.41 -7.99 24.68
N LYS D 51 -33.06 -9.28 24.68
CA LYS D 51 -31.94 -9.76 25.48
C LYS D 51 -30.72 -9.93 24.59
N GLN D 52 -29.58 -9.35 25.05
CA GLN D 52 -28.30 -9.47 24.37
C GLN D 52 -28.04 -10.93 24.05
N VAL D 53 -27.71 -11.20 22.79
CA VAL D 53 -27.61 -12.56 22.31
C VAL D 53 -26.31 -12.72 21.54
N GLU D 54 -25.52 -13.70 21.98
CA GLU D 54 -24.27 -14.08 21.34
C GLU D 54 -24.58 -15.00 20.15
N LEU D 55 -23.90 -14.71 19.03
CA LEU D 55 -24.15 -15.38 17.77
C LEU D 55 -22.82 -15.76 17.13
N ALA D 56 -22.41 -17.02 17.30
CA ALA D 56 -21.19 -17.52 16.68
C ALA D 56 -21.41 -17.76 15.18
N LEU D 57 -20.38 -17.50 14.38
CA LEU D 57 -20.47 -17.57 12.92
C LEU D 57 -19.56 -18.70 12.41
N TRP D 58 -20.15 -19.81 11.94
CA TRP D 58 -19.37 -20.86 11.28
C TRP D 58 -19.43 -20.66 9.77
N ASP D 59 -18.31 -20.22 9.16
CA ASP D 59 -18.24 -20.07 7.71
C ASP D 59 -18.17 -21.46 7.08
N THR D 60 -18.45 -21.56 5.78
CA THR D 60 -18.47 -22.83 5.08
C THR D 60 -17.56 -22.80 3.85
N ALA D 61 -17.46 -23.97 3.21
CA ALA D 61 -16.75 -24.13 1.95
C ALA D 61 -17.17 -25.43 1.28
N GLY D 62 -16.82 -25.57 0.00
CA GLY D 62 -17.01 -26.80 -0.76
C GLY D 62 -15.90 -26.97 -1.79
N GLN D 63 -14.73 -26.40 -1.46
CA GLN D 63 -13.60 -26.31 -2.37
C GLN D 63 -12.97 -27.70 -2.52
N GLU D 64 -11.98 -28.00 -1.67
CA GLU D 64 -11.16 -29.20 -1.83
C GLU D 64 -11.45 -30.17 -0.69
N ASP D 65 -11.02 -29.80 0.51
CA ASP D 65 -11.13 -30.68 1.67
C ASP D 65 -12.55 -30.60 2.23
N TYR D 66 -13.35 -29.70 1.65
CA TYR D 66 -14.73 -29.48 2.07
C TYR D 66 -15.70 -30.12 1.08
N ASP D 67 -16.99 -29.83 1.29
CA ASP D 67 -18.11 -30.61 0.81
C ASP D 67 -18.16 -31.90 1.63
N ARG D 68 -17.17 -32.05 2.49
CA ARG D 68 -17.12 -33.22 3.33
C ARG D 68 -16.70 -32.78 4.71
N LEU D 69 -16.43 -31.50 4.89
CA LEU D 69 -16.05 -30.91 6.16
C LEU D 69 -17.17 -29.98 6.60
N ARG D 70 -17.62 -29.16 5.64
CA ARG D 70 -18.81 -28.33 5.77
C ARG D 70 -19.93 -29.11 6.46
N PRO D 71 -20.39 -30.26 5.91
CA PRO D 71 -21.37 -31.14 6.57
C PRO D 71 -21.41 -31.24 8.09
N LEU D 72 -20.25 -31.01 8.73
CA LEU D 72 -20.11 -31.15 10.17
C LEU D 72 -20.18 -29.79 10.87
N SER D 73 -20.06 -28.69 10.11
CA SER D 73 -20.34 -27.37 10.67
C SER D 73 -21.84 -27.19 10.96
N TYR D 74 -22.66 -28.14 10.49
CA TYR D 74 -24.10 -27.98 10.50
C TYR D 74 -24.68 -28.22 11.90
N PRO D 75 -24.57 -29.43 12.53
CA PRO D 75 -25.41 -29.78 13.68
C PRO D 75 -25.35 -28.79 14.85
N ASP D 76 -26.53 -28.44 15.39
CA ASP D 76 -26.68 -27.52 16.50
C ASP D 76 -26.88 -26.08 16.03
N THR D 77 -27.17 -25.89 14.73
CA THR D 77 -27.31 -24.56 14.15
C THR D 77 -28.60 -23.94 14.67
N ASP D 78 -28.55 -22.64 14.92
CA ASP D 78 -29.71 -21.90 15.39
C ASP D 78 -30.46 -21.33 14.18
N VAL D 79 -29.72 -20.55 13.38
CA VAL D 79 -30.19 -19.90 12.16
C VAL D 79 -29.27 -20.33 11.02
N ILE D 80 -29.86 -20.77 9.89
CA ILE D 80 -29.10 -21.03 8.68
C ILE D 80 -29.09 -19.75 7.81
N LEU D 81 -27.91 -19.43 7.27
CA LEU D 81 -27.77 -18.47 6.18
C LEU D 81 -27.38 -19.21 4.90
N MET D 82 -28.08 -18.87 3.81
CA MET D 82 -27.98 -19.58 2.54
C MET D 82 -27.99 -18.58 1.40
N CYS D 83 -26.79 -18.11 1.02
CA CYS D 83 -26.65 -16.95 0.15
C CYS D 83 -26.08 -17.32 -1.21
N PHE D 84 -26.70 -16.72 -2.23
CA PHE D 84 -26.21 -16.63 -3.60
C PHE D 84 -25.60 -15.25 -3.84
N SER D 85 -25.27 -14.92 -5.10
CA SER D 85 -24.80 -13.58 -5.46
C SER D 85 -25.50 -13.08 -6.72
N ILE D 86 -26.25 -11.98 -6.58
CA ILE D 86 -27.08 -11.40 -7.63
C ILE D 86 -26.46 -11.57 -9.02
N ASP D 87 -25.12 -11.52 -9.13
CA ASP D 87 -24.46 -11.66 -10.43
C ASP D 87 -24.49 -13.11 -10.93
N SER D 88 -25.12 -14.01 -10.19
CA SER D 88 -24.92 -15.43 -10.40
C SER D 88 -26.28 -16.12 -10.50
N PRO D 89 -26.98 -16.00 -11.65
CA PRO D 89 -28.30 -16.61 -11.79
C PRO D 89 -28.24 -18.14 -11.80
N ASP D 90 -27.01 -18.68 -11.95
CA ASP D 90 -26.73 -20.11 -11.81
C ASP D 90 -26.74 -20.50 -10.34
N SER D 91 -25.96 -19.75 -9.55
CA SER D 91 -26.02 -19.75 -8.09
C SER D 91 -27.47 -19.90 -7.63
N LEU D 92 -28.27 -18.85 -7.87
CA LEU D 92 -29.67 -18.80 -7.46
C LEU D 92 -30.40 -20.04 -7.97
N GLU D 93 -29.96 -20.61 -9.09
CA GLU D 93 -30.54 -21.86 -9.52
C GLU D 93 -30.05 -22.97 -8.59
N ASN D 94 -28.75 -22.95 -8.23
CA ASN D 94 -28.20 -23.90 -7.27
C ASN D 94 -28.60 -23.53 -5.84
N ILE D 95 -29.55 -22.61 -5.66
CA ILE D 95 -30.03 -22.24 -4.33
C ILE D 95 -31.16 -23.15 -3.87
N PRO D 96 -32.23 -23.34 -4.67
CA PRO D 96 -33.24 -24.37 -4.34
C PRO D 96 -32.90 -25.79 -4.80
N GLU D 97 -31.61 -26.04 -5.07
CA GLU D 97 -31.20 -27.23 -5.78
C GLU D 97 -30.07 -27.94 -5.05
N LYS D 98 -28.98 -27.22 -4.75
CA LYS D 98 -27.82 -27.81 -4.10
C LYS D 98 -27.75 -27.45 -2.61
N TRP D 99 -28.28 -26.28 -2.20
CA TRP D 99 -28.04 -25.75 -0.86
C TRP D 99 -29.28 -25.82 0.04
N THR D 100 -30.48 -25.66 -0.55
CA THR D 100 -31.74 -25.76 0.19
C THR D 100 -31.99 -27.22 0.57
N PRO D 101 -31.65 -28.22 -0.29
CA PRO D 101 -31.83 -29.63 0.08
C PRO D 101 -31.11 -30.06 1.36
N GLU D 102 -29.79 -29.90 1.38
CA GLU D 102 -28.99 -30.36 2.50
C GLU D 102 -29.71 -30.18 3.84
N VAL D 103 -30.44 -29.08 3.99
CA VAL D 103 -30.90 -28.64 5.30
C VAL D 103 -32.11 -29.44 5.74
N LYS D 104 -32.66 -30.31 4.87
CA LYS D 104 -33.83 -31.12 5.21
C LYS D 104 -33.40 -32.40 5.93
N HIS D 105 -32.11 -32.71 5.83
CA HIS D 105 -31.55 -33.96 6.32
C HIS D 105 -30.59 -33.68 7.48
N PHE D 106 -29.98 -32.47 7.51
CA PHE D 106 -29.04 -32.08 8.56
C PHE D 106 -29.72 -31.27 9.65
N CYS D 107 -30.46 -30.21 9.27
CA CYS D 107 -31.12 -29.38 10.28
C CYS D 107 -32.53 -29.01 9.85
N PRO D 108 -33.44 -30.01 9.78
CA PRO D 108 -34.76 -29.82 9.18
C PRO D 108 -35.43 -28.51 9.55
N ASN D 109 -35.56 -28.22 10.86
CA ASN D 109 -36.34 -27.07 11.31
C ASN D 109 -35.41 -26.00 11.87
N VAL D 110 -34.77 -25.25 10.96
CA VAL D 110 -33.96 -24.09 11.32
C VAL D 110 -34.28 -22.96 10.34
N PRO D 111 -34.29 -21.68 10.79
CA PRO D 111 -34.53 -20.54 9.90
C PRO D 111 -33.56 -20.50 8.73
N ILE D 112 -34.10 -20.64 7.51
CA ILE D 112 -33.33 -20.28 6.34
C ILE D 112 -33.58 -18.79 6.06
N ILE D 113 -32.51 -18.10 5.71
CA ILE D 113 -32.62 -16.78 5.16
C ILE D 113 -31.93 -16.86 3.80
N LEU D 114 -32.69 -16.57 2.74
CA LEU D 114 -32.09 -16.38 1.43
C LEU D 114 -31.42 -15.01 1.47
N VAL D 115 -30.27 -14.92 0.82
CA VAL D 115 -29.46 -13.71 0.86
C VAL D 115 -28.83 -13.52 -0.51
N GLY D 116 -29.08 -12.34 -1.10
CA GLY D 116 -28.49 -11.96 -2.37
C GLY D 116 -27.36 -10.93 -2.22
N ASN D 117 -26.11 -11.41 -2.33
CA ASN D 117 -24.93 -10.59 -2.15
C ASN D 117 -24.71 -9.71 -3.38
N LYS D 118 -23.65 -8.90 -3.31
CA LYS D 118 -23.12 -8.22 -4.48
C LYS D 118 -24.27 -7.53 -5.21
N LYS D 119 -24.90 -6.60 -4.51
CA LYS D 119 -25.97 -5.76 -5.07
C LYS D 119 -25.40 -4.68 -5.99
N ASP D 120 -24.24 -4.13 -5.63
CA ASP D 120 -23.68 -2.99 -6.35
C ASP D 120 -23.38 -3.32 -7.82
N LEU D 121 -23.42 -4.62 -8.21
CA LEU D 121 -23.07 -5.01 -9.58
C LEU D 121 -24.32 -5.35 -10.41
N ARG D 122 -25.47 -5.59 -9.75
CA ARG D 122 -26.74 -5.77 -10.45
C ARG D 122 -26.95 -4.58 -11.38
N ASN D 123 -26.32 -3.46 -11.04
CA ASN D 123 -26.34 -2.28 -11.89
C ASN D 123 -24.93 -1.91 -12.34
N ASP D 124 -24.11 -2.91 -12.69
CA ASP D 124 -22.77 -2.67 -13.23
C ASP D 124 -22.67 -3.27 -14.64
N GLU D 125 -21.89 -2.59 -15.50
CA GLU D 125 -21.72 -2.95 -16.91
C GLU D 125 -21.02 -4.30 -16.98
N HIS D 126 -19.72 -4.35 -16.66
CA HIS D 126 -18.97 -5.60 -16.68
C HIS D 126 -19.93 -6.75 -16.36
N THR D 127 -20.58 -6.67 -15.18
CA THR D 127 -21.49 -7.70 -14.72
C THR D 127 -22.67 -7.85 -15.69
N ARG D 128 -23.42 -6.76 -15.89
CA ARG D 128 -24.59 -6.80 -16.76
C ARG D 128 -24.16 -7.23 -18.16
N ARG D 129 -23.11 -6.57 -18.68
CA ARG D 129 -22.53 -6.91 -19.97
C ARG D 129 -22.20 -8.41 -20.01
N GLU D 130 -21.31 -8.86 -19.12
CA GLU D 130 -20.77 -10.21 -19.19
C GLU D 130 -21.90 -11.24 -19.29
N LEU D 131 -22.84 -11.19 -18.33
CA LEU D 131 -23.98 -12.10 -18.32
C LEU D 131 -24.78 -11.96 -19.62
N ALA D 132 -24.79 -10.76 -20.22
CA ALA D 132 -25.51 -10.53 -21.47
C ALA D 132 -24.85 -11.26 -22.63
N LYS D 133 -23.51 -11.17 -22.72
CA LYS D 133 -22.73 -11.89 -23.72
C LYS D 133 -22.89 -13.40 -23.51
N MET D 134 -23.66 -13.79 -22.49
CA MET D 134 -23.97 -15.19 -22.20
C MET D 134 -25.48 -15.41 -22.22
N LYS D 135 -26.23 -14.44 -22.77
CA LYS D 135 -27.68 -14.38 -22.64
C LYS D 135 -28.08 -14.73 -21.20
N GLN D 136 -27.80 -13.78 -20.30
CA GLN D 136 -28.13 -13.90 -18.88
C GLN D 136 -28.18 -12.48 -18.32
N GLU D 137 -28.91 -12.31 -17.21
CA GLU D 137 -29.06 -11.00 -16.61
C GLU D 137 -28.81 -11.12 -15.12
N PRO D 138 -28.35 -10.04 -14.43
CA PRO D 138 -28.13 -10.08 -12.98
C PRO D 138 -29.45 -10.27 -12.24
N VAL D 139 -29.42 -11.10 -11.19
CA VAL D 139 -30.64 -11.46 -10.50
C VAL D 139 -31.39 -10.20 -10.07
N LYS D 140 -32.69 -10.17 -10.39
CA LYS D 140 -33.53 -9.03 -10.10
C LYS D 140 -34.34 -9.32 -8.84
N PRO D 141 -34.65 -8.28 -8.01
CA PRO D 141 -35.25 -8.50 -6.70
C PRO D 141 -36.46 -9.45 -6.73
N GLU D 142 -37.45 -9.13 -7.56
CA GLU D 142 -38.66 -9.92 -7.53
C GLU D 142 -38.23 -11.39 -7.58
N GLU D 143 -37.35 -11.71 -8.53
CA GLU D 143 -36.75 -13.03 -8.63
C GLU D 143 -36.42 -13.54 -7.22
N GLY D 144 -35.91 -12.66 -6.37
CA GLY D 144 -35.31 -13.04 -5.08
C GLY D 144 -36.33 -13.25 -3.96
N ARG D 145 -37.45 -12.57 -3.97
CA ARG D 145 -38.43 -12.81 -2.94
C ARG D 145 -39.25 -13.94 -3.36
N ASP D 146 -39.46 -14.03 -4.65
CA ASP D 146 -40.29 -15.06 -5.25
C ASP D 146 -39.74 -16.45 -4.90
N MET D 147 -38.41 -16.56 -4.94
CA MET D 147 -37.73 -17.83 -4.70
C MET D 147 -37.69 -18.10 -3.20
N ALA D 148 -37.73 -17.02 -2.41
CA ALA D 148 -37.70 -17.07 -0.96
C ALA D 148 -38.83 -17.94 -0.45
N ASN D 149 -40.04 -17.67 -0.96
CA ASN D 149 -41.26 -18.36 -0.59
C ASN D 149 -41.17 -19.87 -0.85
N ARG D 150 -40.70 -20.22 -2.06
CA ARG D 150 -40.67 -21.56 -2.59
C ARG D 150 -39.97 -22.57 -1.67
N ILE D 151 -39.10 -22.08 -0.78
CA ILE D 151 -38.23 -22.95 -0.01
C ILE D 151 -38.67 -22.95 1.46
N GLY D 152 -39.82 -22.30 1.71
CA GLY D 152 -40.44 -22.19 3.01
C GLY D 152 -39.51 -21.54 4.03
N ALA D 153 -39.05 -20.32 3.72
CA ALA D 153 -37.95 -19.70 4.44
C ALA D 153 -38.44 -18.66 5.46
N PHE D 154 -37.50 -18.15 6.26
CA PHE D 154 -37.80 -17.11 7.24
C PHE D 154 -37.90 -15.76 6.53
N GLY D 155 -37.22 -15.65 5.38
CA GLY D 155 -37.33 -14.46 4.56
C GLY D 155 -36.08 -14.22 3.73
N TYR D 156 -35.92 -12.95 3.32
CA TYR D 156 -35.05 -12.61 2.21
C TYR D 156 -34.35 -11.30 2.52
N MET D 157 -33.08 -11.43 2.90
CA MET D 157 -32.23 -10.27 2.92
C MET D 157 -31.41 -10.24 1.64
N GLU D 158 -30.82 -9.06 1.40
CA GLU D 158 -29.89 -8.81 0.31
C GLU D 158 -28.80 -7.89 0.85
N CYS D 159 -27.54 -8.32 0.76
CA CYS D 159 -26.44 -7.58 1.35
C CYS D 159 -25.39 -7.18 0.30
N SER D 160 -24.82 -5.98 0.52
CA SER D 160 -23.79 -5.44 -0.33
C SER D 160 -22.52 -5.21 0.51
N ALA D 161 -21.84 -6.32 0.86
CA ALA D 161 -20.69 -6.31 1.76
C ALA D 161 -19.60 -5.35 1.30
N LYS D 162 -19.45 -5.14 0.00
CA LYS D 162 -18.42 -4.23 -0.51
C LYS D 162 -18.73 -2.83 0.00
N THR D 163 -19.96 -2.36 -0.29
CA THR D 163 -20.38 -0.99 -0.06
C THR D 163 -20.96 -0.85 1.34
N LYS D 164 -21.14 -1.98 2.04
CA LYS D 164 -21.79 -1.93 3.34
C LYS D 164 -23.16 -1.27 3.19
N ASP D 165 -24.05 -1.95 2.43
CA ASP D 165 -25.48 -1.66 2.44
C ASP D 165 -26.14 -2.59 3.45
N GLY D 166 -27.03 -3.47 3.01
CA GLY D 166 -27.94 -4.18 3.90
C GLY D 166 -27.23 -5.25 4.72
N VAL D 167 -25.98 -4.98 5.09
CA VAL D 167 -25.02 -5.96 5.57
C VAL D 167 -25.08 -6.04 7.09
N ARG D 168 -25.81 -5.12 7.71
CA ARG D 168 -26.00 -5.11 9.16
C ARG D 168 -27.39 -5.61 9.51
N GLU D 169 -28.32 -5.50 8.56
CA GLU D 169 -29.70 -5.89 8.80
C GLU D 169 -29.83 -7.40 8.65
N VAL D 170 -29.03 -8.01 7.75
CA VAL D 170 -28.96 -9.46 7.64
C VAL D 170 -28.96 -10.12 9.02
N PHE D 171 -28.01 -9.73 9.89
CA PHE D 171 -27.79 -10.38 11.16
C PHE D 171 -28.84 -9.95 12.19
N GLU D 172 -29.20 -8.66 12.15
CA GLU D 172 -30.38 -8.21 12.89
C GLU D 172 -31.45 -9.28 12.67
N MET D 173 -31.82 -9.44 11.40
CA MET D 173 -32.79 -10.40 10.90
C MET D 173 -32.42 -11.79 11.39
N ALA D 174 -31.13 -12.14 11.30
CA ALA D 174 -30.66 -13.48 11.60
C ALA D 174 -30.90 -13.80 13.09
N THR D 175 -30.40 -12.94 13.99
CA THR D 175 -30.55 -13.19 15.41
C THR D 175 -32.01 -13.53 15.71
N ARG D 176 -32.94 -12.65 15.33
CA ARG D 176 -34.36 -12.86 15.57
C ARG D 176 -34.75 -14.30 15.25
N ALA D 177 -34.44 -14.72 14.01
CA ALA D 177 -34.77 -16.05 13.51
C ALA D 177 -34.50 -17.12 14.56
N ALA D 178 -33.34 -17.02 15.23
CA ALA D 178 -32.89 -18.05 16.15
C ALA D 178 -33.54 -17.91 17.52
N LEU D 179 -34.01 -16.72 17.89
CA LEU D 179 -34.55 -16.50 19.23
C LEU D 179 -36.02 -16.85 19.30
N GLN D 180 -36.52 -17.67 18.36
CA GLN D 180 -37.95 -17.94 18.24
C GLN D 180 -38.24 -19.45 18.38
PB GDP E . 30.74 20.49 1.74
O1B GDP E . 31.65 19.62 0.85
O2B GDP E . 31.25 21.91 1.90
O3B GDP E . 29.31 20.40 1.32
O3A GDP E . 30.67 19.89 3.22
PA GDP E . 31.78 19.21 4.16
O1A GDP E . 31.79 17.72 3.96
O2A GDP E . 33.05 19.95 3.94
O5' GDP E . 31.15 19.53 5.61
C5' GDP E . 32.12 19.74 6.64
C4' GDP E . 31.65 19.13 7.93
O4' GDP E . 30.35 18.51 7.80
C3' GDP E . 32.48 17.97 8.48
O3' GDP E . 33.79 18.43 8.83
C2' GDP E . 31.54 17.55 9.62
O2' GDP E . 31.64 18.41 10.74
C1' GDP E . 30.16 17.68 8.95
N9 GDP E . 29.55 16.43 8.53
C8 GDP E . 29.72 15.79 7.33
N7 GDP E . 29.04 14.67 7.23
C5 GDP E . 28.34 14.58 8.43
C6 GDP E . 27.42 13.60 8.87
O6 GDP E . 27.04 12.57 8.29
N1 GDP E . 26.95 13.89 10.15
C2 GDP E . 27.31 14.99 10.89
N2 GDP E . 26.74 15.12 12.10
N3 GDP E . 28.16 15.93 10.46
C4 GDP E . 28.64 15.67 9.23
MG MG F . 34.73 19.91 2.38
PB GDP G . 3.02 -13.74 12.62
O1B GDP G . 3.44 -14.38 11.28
O2B GDP G . 1.61 -14.14 13.05
O3B GDP G . 4.06 -13.93 13.73
O3A GDP G . 2.96 -12.16 12.31
PA GDP G . 1.68 -11.31 11.89
O1A GDP G . 2.00 -10.63 10.60
O2A GDP G . 0.49 -12.19 11.98
O5' GDP G . 1.63 -10.21 13.05
C5' GDP G . 0.86 -10.36 14.27
C4' GDP G . 0.30 -9.01 14.63
O4' GDP G . 1.38 -8.05 14.56
C3' GDP G . -0.81 -8.51 13.68
O3' GDP G . -1.95 -8.04 14.39
C2' GDP G . -0.08 -7.47 12.81
O2' GDP G . -0.85 -6.38 12.34
C1' GDP G . 1.00 -6.96 13.76
N9 GDP G . 2.13 -6.46 13.00
C8 GDP G . 2.81 -7.13 12.02
N7 GDP G . 3.73 -6.41 11.43
C5 GDP G . 3.63 -5.17 12.05
C6 GDP G . 4.36 -3.99 11.83
O6 GDP G . 5.29 -3.80 11.02
N1 GDP G . 3.94 -2.96 12.66
C2 GDP G . 2.93 -3.07 13.59
N2 GDP G . 2.67 -1.96 14.30
N3 GDP G . 2.24 -4.18 13.81
C4 GDP G . 2.63 -5.19 12.99
MG MG H . 1.15 -16.66 12.69
MG MG I . 2.22 -16.65 9.59
PB GDP J . -17.74 10.40 -15.85
O1B GDP J . -19.11 10.93 -15.53
O2B GDP J . -17.52 10.26 -17.34
O3B GDP J . -16.65 11.19 -15.16
O3A GDP J . -17.58 8.88 -15.26
PA GDP J . -18.58 7.95 -14.42
O1A GDP J . -19.03 8.74 -13.22
O2A GDP J . -19.61 7.46 -15.39
O5' GDP J . -17.73 6.70 -13.91
C5' GDP J . -17.57 5.52 -14.75
C4' GDP J . -18.77 4.60 -14.67
O4' GDP J . -18.38 3.28 -14.21
C3' GDP J . -19.93 4.95 -13.73
O3' GDP J . -20.79 5.98 -14.20
C2' GDP J . -20.66 3.59 -13.74
O2' GDP J . -21.33 3.24 -14.92
C1' GDP J . -19.47 2.66 -13.57
N9 GDP J . -19.09 2.43 -12.19
C8 GDP J . -19.75 2.81 -11.05
N7 GDP J . -19.11 2.49 -9.95
C5 GDP J . -17.95 1.86 -10.41
C6 GDP J . -16.87 1.28 -9.68
O6 GDP J . -16.72 1.21 -8.44
N1 GDP J . -15.91 0.73 -10.57
C2 GDP J . -16.00 0.74 -11.94
N2 GDP J . -15.01 0.18 -12.63
N3 GDP J . -17.00 1.29 -12.62
C4 GDP J . -17.93 1.82 -11.79
MG MG K . -19.78 11.84 -16.98
C05 U6L L . -10.12 -18.04 -1.42
C06 U6L L . -9.72 -17.53 -0.20
C07 U6L L . -8.60 -18.05 0.44
C08 U6L L . -7.86 -19.05 -0.15
C09 U6L L . -8.22 -19.59 -1.39
C10 U6L L . -9.36 -19.08 -2.01
C11 U6L L . -7.41 -20.70 -2.04
C12 U6L L . -6.68 -21.60 -1.07
C01 U6L L . -11.08 -16.38 -3.11
O02 U6L L . -12.25 -15.80 -3.63
C03 U6L L . -11.35 -17.50 -2.11
O04 U6L L . -12.26 -16.95 -1.15
PB GDP M . -17.70 -17.09 -0.69
O1B GDP M . -17.31 -17.35 0.75
O2B GDP M . -17.23 -18.15 -1.67
O3B GDP M . -19.16 -16.81 -0.87
O3A GDP M . -16.96 -15.70 -0.97
PA GDP M . -15.56 -15.12 -0.46
O1A GDP M . -15.74 -13.82 0.26
O2A GDP M . -14.83 -16.22 0.21
O5' GDP M . -14.91 -14.81 -1.90
C5' GDP M . -15.79 -14.46 -3.03
C4' GDP M . -15.55 -13.03 -3.48
O4' GDP M . -16.78 -12.28 -3.34
C3' GDP M . -14.53 -12.20 -2.72
O3' GDP M . -13.23 -12.32 -3.27
C2' GDP M . -15.02 -10.77 -2.92
O2' GDP M . -14.20 -10.07 -3.83
C1' GDP M . -16.45 -10.92 -3.45
N9 GDP M . -17.41 -10.13 -2.70
C8 GDP M . -17.76 -10.31 -1.39
N7 GDP M . -18.61 -9.41 -0.94
C5 GDP M . -18.81 -8.58 -2.04
C6 GDP M . -19.65 -7.44 -2.17
O6 GDP M . -20.39 -6.93 -1.32
N1 GDP M . -19.56 -6.89 -3.45
C2 GDP M . -18.77 -7.37 -4.46
N2 GDP M . -18.83 -6.71 -5.62
N3 GDP M . -18.01 -8.45 -4.35
C4 GDP M . -18.06 -9.01 -3.12
MG MG N . -13.40 -16.73 1.09
MG MG O . -16.43 -20.17 2.03
N1 EPE P . -15.33 -24.08 16.12
C2 EPE P . -14.87 -25.47 15.94
C3 EPE P . -14.71 -26.14 17.28
N4 EPE P . -16.04 -26.41 17.86
C5 EPE P . -16.97 -25.30 17.57
C6 EPE P . -16.27 -23.99 17.27
C7 EPE P . -15.99 -26.79 19.28
C8 EPE P . -15.67 -25.68 20.25
O8 EPE P . -16.84 -24.99 20.62
C9 EPE P . -15.79 -23.44 14.84
C10 EPE P . -17.06 -22.60 14.81
S EPE P . -16.81 -20.85 15.09
O1S EPE P . -16.67 -20.63 16.51
O2S EPE P . -15.75 -20.47 14.21
O3S EPE P . -18.18 -20.26 14.68
#